data_8GMK
#
_entry.id   8GMK
#
_cell.length_a   99.524
_cell.length_b   99.524
_cell.length_c   141.345
_cell.angle_alpha   90.00
_cell.angle_beta   90.00
_cell.angle_gamma   120.00
#
_symmetry.space_group_name_H-M   'P 31 2 1'
#
loop_
_entity.id
_entity.type
_entity.pdbx_description
1 polymer 'citrate synthase'
2 non-polymer 'PYRUVIC ACID'
3 non-polymer 'TRIETHYLENE GLYCOL'
4 non-polymer 1,2-ETHANEDIOL
5 non-polymer DI(HYDROXYETHYL)ETHER
6 water water
#
_entity_poly.entity_id   1
_entity_poly.type   'polypeptide(L)'
_entity_poly.pdbx_seq_one_letter_code
;MTVVPENFVPGLDGVVAFTTEIAEPDKDGGALRYRGVDIEDLVSQRVTFGDVWALLVDGNFGSGLPPAEPFPLPIHSGDV
RVDVQAGLAMLAPIWGYAPLLDIDDATARQQLARASVMALSYVAQSARGIYQPAVPQRIIDECSTVTARFMTRWQGEPDP
RHIEAIDAYWVSAAEHGMNASTFTARVIASTGADVAAALSGAIGAMSGPLHGGAPARVLPMLDEVERAGDARSVVKGILD
RGEKLMGFGHRVYRAEDPRARVLRAAAERLGAPRYEVAVAVEQAALSELRERRPDRAIETNVEFWAAVVLDFARVPANMM
PAMFTCGRTAGWCAHILEQKRLGKLVRPSAIYVGPGPRSPESVDGWERVLTTAHHHHHH
;
_entity_poly.pdbx_strand_id   A,B
#
loop_
_chem_comp.id
_chem_comp.type
_chem_comp.name
_chem_comp.formula
EDO non-polymer 1,2-ETHANEDIOL 'C2 H6 O2'
PEG non-polymer DI(HYDROXYETHYL)ETHER 'C4 H10 O3'
PGE non-polymer 'TRIETHYLENE GLYCOL' 'C6 H14 O4'
PYR non-polymer 'PYRUVIC ACID' 'C3 H4 O3'
#
# COMPACT_ATOMS: atom_id res chain seq x y z
N PHE A 8 8.12 -15.45 -21.24
CA PHE A 8 7.86 -14.54 -20.11
C PHE A 8 6.48 -13.89 -20.17
N VAL A 9 5.78 -13.95 -19.05
CA VAL A 9 4.50 -13.25 -18.88
C VAL A 9 4.61 -12.33 -17.67
N PRO A 10 4.71 -11.01 -17.86
CA PRO A 10 4.88 -10.10 -16.71
C PRO A 10 3.64 -10.07 -15.83
N GLY A 11 3.87 -9.80 -14.55
CA GLY A 11 2.77 -9.56 -13.63
C GLY A 11 2.34 -10.74 -12.78
N LEU A 12 3.20 -11.76 -12.64
CA LEU A 12 2.95 -12.89 -11.74
C LEU A 12 1.64 -13.60 -12.04
N ASP A 13 1.13 -13.42 -13.25
CA ASP A 13 -0.17 -13.97 -13.62
C ASP A 13 -0.13 -15.50 -13.52
N GLY A 14 -0.86 -16.06 -12.55
CA GLY A 14 -0.85 -17.48 -12.31
C GLY A 14 0.22 -17.97 -11.36
N VAL A 15 1.11 -17.10 -10.90
CA VAL A 15 2.19 -17.52 -10.01
C VAL A 15 1.63 -17.67 -8.60
N VAL A 16 2.05 -18.71 -7.90
CA VAL A 16 1.62 -18.95 -6.52
C VAL A 16 2.52 -18.18 -5.56
N ALA A 17 1.96 -17.20 -4.86
CA ALA A 17 2.71 -16.40 -3.91
C ALA A 17 2.61 -16.91 -2.49
N PHE A 18 1.48 -17.48 -2.12
CA PHE A 18 1.25 -17.87 -0.74
C PHE A 18 0.39 -19.13 -0.71
N THR A 19 0.54 -19.86 0.38
CA THR A 19 -0.52 -20.74 0.84
C THR A 19 -1.33 -19.99 1.90
N THR A 20 -2.58 -20.37 2.05
CA THR A 20 -3.42 -19.68 3.03
C THR A 20 -4.29 -20.69 3.75
N GLU A 21 -4.55 -20.42 5.03
CA GLU A 21 -5.56 -21.12 5.78
C GLU A 21 -6.82 -20.29 5.99
N ILE A 22 -6.89 -19.09 5.41
CA ILE A 22 -8.00 -18.18 5.76
C ILE A 22 -9.29 -18.62 5.10
N ALA A 23 -9.30 -18.74 3.76
CA ALA A 23 -10.54 -18.96 3.03
C ALA A 23 -10.27 -19.73 1.75
N GLU A 24 -11.34 -20.33 1.23
CA GLU A 24 -11.27 -21.17 0.02
C GLU A 24 -12.31 -20.71 -0.99
N PRO A 25 -11.93 -19.89 -1.96
CA PRO A 25 -12.79 -19.68 -3.12
C PRO A 25 -12.75 -20.92 -3.99
N ASP A 26 -13.55 -21.92 -3.67
CA ASP A 26 -13.53 -23.20 -4.39
C ASP A 26 -14.32 -23.04 -5.68
N LYS A 27 -13.65 -22.46 -6.69
CA LYS A 27 -14.34 -22.08 -7.90
C LYS A 27 -14.78 -23.31 -8.70
N ASP A 28 -13.92 -24.32 -8.80
CA ASP A 28 -14.32 -25.56 -9.47
C ASP A 28 -15.44 -26.26 -8.72
N GLY A 29 -15.44 -26.18 -7.38
CA GLY A 29 -16.54 -26.73 -6.61
C GLY A 29 -17.77 -25.85 -6.45
N GLY A 30 -17.77 -24.64 -7.00
CA GLY A 30 -18.95 -23.77 -6.83
C GLY A 30 -19.28 -23.35 -5.42
N ALA A 31 -18.31 -23.30 -4.51
CA ALA A 31 -18.56 -22.90 -3.13
C ALA A 31 -17.44 -22.00 -2.65
N LEU A 32 -17.78 -21.10 -1.71
CA LEU A 32 -16.83 -20.24 -1.00
C LEU A 32 -16.91 -20.54 0.50
N ARG A 33 -15.76 -20.78 1.11
CA ARG A 33 -15.70 -21.13 2.52
C ARG A 33 -14.77 -20.16 3.23
N TYR A 34 -15.19 -19.72 4.42
CA TYR A 34 -14.34 -18.98 5.35
C TYR A 34 -13.92 -19.91 6.48
N ARG A 35 -12.62 -20.22 6.58
CA ARG A 35 -12.11 -21.11 7.61
C ARG A 35 -12.93 -22.40 7.62
N GLY A 36 -13.26 -22.90 6.42
CA GLY A 36 -14.03 -24.11 6.25
C GLY A 36 -15.53 -23.93 6.26
N VAL A 37 -16.04 -22.76 6.67
CA VAL A 37 -17.47 -22.56 6.83
C VAL A 37 -18.03 -21.94 5.56
N ASP A 38 -19.06 -22.57 4.99
CA ASP A 38 -19.65 -22.09 3.76
C ASP A 38 -20.32 -20.74 3.95
N ILE A 39 -20.08 -19.82 3.02
CA ILE A 39 -20.67 -18.48 3.15
C ILE A 39 -22.18 -18.52 3.05
N GLU A 40 -22.74 -19.54 2.40
CA GLU A 40 -24.18 -19.60 2.37
C GLU A 40 -24.74 -19.97 3.74
N ASP A 41 -23.99 -20.74 4.53
CA ASP A 41 -24.46 -20.99 5.90
C ASP A 41 -24.33 -19.70 6.74
N LEU A 42 -23.22 -18.99 6.59
CA LEU A 42 -22.99 -17.75 7.34
C LEU A 42 -24.08 -16.72 7.03
N VAL A 43 -24.31 -16.45 5.74
CA VAL A 43 -25.29 -15.42 5.35
C VAL A 43 -26.71 -15.85 5.67
N SER A 44 -27.07 -17.11 5.36
CA SER A 44 -28.45 -17.54 5.56
C SER A 44 -28.80 -17.58 7.04
N GLN A 45 -27.82 -17.91 7.90
CA GLN A 45 -28.07 -17.92 9.32
C GLN A 45 -27.88 -16.54 9.96
N ARG A 46 -27.57 -15.53 9.15
CA ARG A 46 -27.56 -14.13 9.58
C ARG A 46 -26.46 -13.89 10.61
N VAL A 47 -25.31 -14.51 10.41
CA VAL A 47 -24.15 -14.24 11.28
C VAL A 47 -23.63 -12.84 10.95
N THR A 48 -23.39 -12.03 11.99
CA THR A 48 -23.13 -10.64 11.72
C THR A 48 -21.66 -10.44 11.27
N PHE A 49 -21.42 -9.34 10.57
CA PHE A 49 -20.10 -9.09 9.99
C PHE A 49 -19.01 -9.13 11.08
N GLY A 50 -19.28 -8.54 12.23
CA GLY A 50 -18.27 -8.51 13.28
C GLY A 50 -17.88 -9.89 13.77
N ASP A 51 -18.80 -10.85 13.68
CA ASP A 51 -18.42 -12.22 14.02
C ASP A 51 -17.71 -12.90 12.86
N VAL A 52 -18.08 -12.57 11.63
CA VAL A 52 -17.35 -13.14 10.49
C VAL A 52 -15.95 -12.54 10.41
N TRP A 53 -15.79 -11.29 10.86
CA TRP A 53 -14.47 -10.70 10.99
C TRP A 53 -13.58 -11.57 11.88
N ALA A 54 -14.12 -12.00 13.02
CA ALA A 54 -13.32 -12.79 13.96
C ALA A 54 -13.06 -14.18 13.42
N LEU A 55 -14.05 -14.77 12.78
CA LEU A 55 -13.83 -16.07 12.12
C LEU A 55 -12.64 -16.02 11.18
N LEU A 56 -12.66 -15.06 10.24
CA LEU A 56 -11.58 -14.97 9.26
C LEU A 56 -10.23 -14.70 9.90
N VAL A 57 -10.17 -13.74 10.82
CA VAL A 57 -8.90 -13.35 11.39
C VAL A 57 -8.38 -14.38 12.37
N ASP A 58 -9.24 -14.83 13.28
CA ASP A 58 -8.80 -15.73 14.34
C ASP A 58 -8.88 -17.21 13.95
N GLY A 59 -9.76 -17.56 13.03
CA GLY A 59 -10.07 -18.94 12.75
C GLY A 59 -11.11 -19.53 13.67
N ASN A 60 -11.72 -18.73 14.53
CA ASN A 60 -12.81 -19.20 15.39
C ASN A 60 -13.67 -18.00 15.76
N PHE A 61 -14.75 -18.27 16.48
CA PHE A 61 -15.71 -17.26 16.86
C PHE A 61 -15.43 -16.77 18.29
N GLY A 62 -16.33 -15.97 18.84
CA GLY A 62 -16.11 -15.60 20.22
C GLY A 62 -15.63 -14.17 20.42
N SER A 63 -14.46 -13.83 19.88
CA SER A 63 -13.90 -12.48 20.07
C SER A 63 -14.31 -11.59 18.90
N GLY A 64 -15.61 -11.35 18.80
CA GLY A 64 -16.15 -10.50 17.76
C GLY A 64 -15.46 -9.15 17.67
N LEU A 65 -15.57 -8.55 16.50
CA LEU A 65 -15.07 -7.21 16.28
C LEU A 65 -15.74 -6.24 17.24
N PRO A 66 -14.98 -5.40 17.95
CA PRO A 66 -15.55 -4.51 18.96
C PRO A 66 -16.13 -3.24 18.33
N PRO A 67 -17.02 -2.56 19.02
CA PRO A 67 -17.49 -1.25 18.54
C PRO A 67 -16.33 -0.27 18.40
N ALA A 68 -16.51 0.70 17.51
CA ALA A 68 -15.52 1.75 17.34
C ALA A 68 -15.57 2.72 18.54
N GLU A 69 -14.42 3.19 18.98
CA GLU A 69 -14.40 4.26 19.98
C GLU A 69 -14.73 5.59 19.32
N PRO A 70 -15.25 6.59 20.06
CA PRO A 70 -15.58 7.86 19.42
C PRO A 70 -14.32 8.52 18.85
N PHE A 71 -14.40 8.97 17.61
CA PHE A 71 -13.22 9.57 16.96
C PHE A 71 -13.70 10.27 15.70
N PRO A 72 -13.98 11.57 15.77
CA PRO A 72 -14.37 12.30 14.57
C PRO A 72 -13.27 12.24 13.51
N LEU A 73 -13.66 11.84 12.31
CA LEU A 73 -12.73 11.69 11.20
C LEU A 73 -11.99 13.00 10.93
N PRO A 74 -10.65 13.00 10.93
CA PRO A 74 -9.93 14.25 10.72
C PRO A 74 -9.68 14.64 9.26
N ILE A 75 -9.98 13.78 8.28
CA ILE A 75 -9.65 14.05 6.88
C ILE A 75 -10.95 14.26 6.11
N HIS A 76 -11.00 15.37 5.37
CA HIS A 76 -12.18 15.76 4.61
C HIS A 76 -11.66 16.22 3.25
N SER A 77 -11.26 15.25 2.41
CA SER A 77 -10.54 15.60 1.20
C SER A 77 -11.47 15.76 0.00
N GLY A 78 -12.74 15.39 0.13
CA GLY A 78 -13.58 15.34 -1.03
C GLY A 78 -13.70 13.96 -1.61
N ASP A 79 -12.89 13.00 -1.13
CA ASP A 79 -12.88 11.64 -1.65
C ASP A 79 -12.91 10.70 -0.45
N VAL A 80 -13.99 9.91 -0.34
CA VAL A 80 -14.15 9.05 0.84
C VAL A 80 -13.00 8.05 0.93
N ARG A 81 -12.56 7.55 -0.22
CA ARG A 81 -11.43 6.61 -0.21
C ARG A 81 -10.17 7.26 0.34
N VAL A 82 -9.87 8.48 -0.11
CA VAL A 82 -8.72 9.21 0.40
C VAL A 82 -8.86 9.45 1.90
N ASP A 83 -10.05 9.85 2.35
CA ASP A 83 -10.22 10.15 3.77
C ASP A 83 -9.83 8.98 4.65
N VAL A 84 -10.23 7.76 4.23
CA VAL A 84 -9.96 6.58 5.04
C VAL A 84 -8.51 6.12 4.86
N GLN A 85 -7.98 6.17 3.63
CA GLN A 85 -6.57 5.82 3.44
C GLN A 85 -5.64 6.67 4.29
N ALA A 86 -5.86 8.00 4.26
CA ALA A 86 -5.07 8.89 5.11
C ALA A 86 -5.40 8.68 6.57
N GLY A 87 -6.69 8.67 6.89
CA GLY A 87 -7.09 8.58 8.28
C GLY A 87 -6.58 7.33 8.97
N LEU A 88 -6.58 6.20 8.26
CA LEU A 88 -6.05 5.00 8.91
C LEU A 88 -4.56 5.09 9.18
N ALA A 89 -3.80 5.64 8.24
CA ALA A 89 -2.37 5.65 8.49
C ALA A 89 -2.05 6.51 9.68
N MET A 90 -2.85 7.57 9.87
CA MET A 90 -2.59 8.41 11.02
C MET A 90 -2.96 7.77 12.35
N LEU A 91 -3.58 6.60 12.37
CA LEU A 91 -3.90 5.97 13.65
C LEU A 91 -2.67 5.49 14.37
N ALA A 92 -1.57 5.21 13.64
CA ALA A 92 -0.44 4.55 14.29
C ALA A 92 0.21 5.44 15.35
N PRO A 93 0.57 6.71 15.09
CA PRO A 93 1.19 7.52 16.18
C PRO A 93 0.27 7.83 17.35
N ILE A 94 -0.99 8.20 17.12
CA ILE A 94 -1.84 8.59 18.25
C ILE A 94 -2.19 7.39 19.11
N TRP A 95 -2.32 6.21 18.49
CA TRP A 95 -2.65 5.00 19.23
C TRP A 95 -1.42 4.21 19.64
N GLY A 96 -0.23 4.63 19.24
CA GLY A 96 0.97 3.95 19.66
C GLY A 96 1.14 2.58 19.01
N TYR A 97 0.84 2.49 17.71
CA TYR A 97 1.01 1.23 16.99
C TYR A 97 2.47 1.05 16.63
N ALA A 98 3.10 0.01 17.17
CA ALA A 98 4.48 -0.28 16.83
C ALA A 98 4.55 -1.16 15.58
N PRO A 99 5.72 -1.25 14.92
CA PRO A 99 5.83 -2.12 13.75
C PRO A 99 5.44 -3.54 14.13
N LEU A 100 4.86 -4.24 13.15
CA LEU A 100 4.52 -5.65 13.31
C LEU A 100 5.71 -6.46 13.80
N LEU A 101 6.91 -6.11 13.34
CA LEU A 101 8.12 -6.82 13.75
C LEU A 101 8.37 -6.77 15.25
N ASP A 102 7.80 -5.79 15.97
CA ASP A 102 8.15 -5.59 17.36
C ASP A 102 7.04 -5.91 18.33
N ILE A 103 5.93 -6.50 17.87
CA ILE A 103 4.79 -6.81 18.71
C ILE A 103 4.43 -8.30 18.57
N ASP A 104 3.71 -8.80 19.56
CA ASP A 104 3.27 -10.17 19.51
C ASP A 104 1.99 -10.28 18.68
N ASP A 105 1.62 -11.52 18.35
CA ASP A 105 0.44 -11.75 17.50
C ASP A 105 -0.83 -11.20 18.13
N ALA A 106 -1.03 -11.43 19.43
CA ALA A 106 -2.30 -11.02 20.01
C ALA A 106 -2.38 -9.49 20.07
N THR A 107 -1.24 -8.83 20.26
CA THR A 107 -1.24 -7.38 20.20
C THR A 107 -1.56 -6.93 18.78
N ALA A 108 -0.98 -7.60 17.78
CA ALA A 108 -1.29 -7.24 16.38
C ALA A 108 -2.75 -7.48 16.07
N ARG A 109 -3.33 -8.57 16.59
CA ARG A 109 -4.75 -8.82 16.33
C ARG A 109 -5.59 -7.72 16.94
N GLN A 110 -5.23 -7.28 18.15
CA GLN A 110 -6.00 -6.23 18.82
C GLN A 110 -5.95 -4.93 18.02
N GLN A 111 -4.76 -4.59 17.54
CA GLN A 111 -4.57 -3.40 16.72
C GLN A 111 -5.36 -3.48 15.43
N LEU A 112 -5.37 -4.65 14.79
CA LEU A 112 -6.16 -4.84 13.57
C LEU A 112 -7.62 -4.57 13.83
N ALA A 113 -8.17 -5.17 14.91
CA ALA A 113 -9.56 -5.00 15.24
C ALA A 113 -9.90 -3.53 15.48
N ARG A 114 -9.11 -2.86 16.27
CA ARG A 114 -9.37 -1.47 16.67
C ARG A 114 -9.36 -0.56 15.46
N ALA A 115 -8.41 -0.78 14.55
CA ALA A 115 -8.30 0.06 13.37
C ALA A 115 -9.31 -0.36 12.31
N SER A 116 -9.58 -1.66 12.19
CA SER A 116 -10.55 -2.10 11.20
C SER A 116 -11.93 -1.50 11.47
N VAL A 117 -12.35 -1.47 12.74
CA VAL A 117 -13.66 -0.92 12.98
C VAL A 117 -13.64 0.60 12.84
N MET A 118 -12.49 1.23 13.08
CA MET A 118 -12.38 2.68 12.88
C MET A 118 -12.52 3.00 11.38
N ALA A 119 -11.99 2.13 10.51
CA ALA A 119 -12.25 2.32 9.09
C ALA A 119 -13.73 2.39 8.80
N LEU A 120 -14.52 1.51 9.43
CA LEU A 120 -15.96 1.53 9.21
C LEU A 120 -16.53 2.84 9.71
N SER A 121 -16.13 3.24 10.92
CA SER A 121 -16.60 4.51 11.48
C SER A 121 -16.30 5.65 10.54
N TYR A 122 -15.06 5.71 10.04
CA TYR A 122 -14.68 6.84 9.19
C TYR A 122 -15.49 6.87 7.90
N VAL A 123 -15.77 5.68 7.34
CA VAL A 123 -16.55 5.66 6.11
C VAL A 123 -17.96 6.18 6.36
N ALA A 124 -18.58 5.75 7.47
CA ALA A 124 -19.92 6.25 7.79
C ALA A 124 -19.92 7.76 8.00
N GLN A 125 -18.85 8.30 8.61
CA GLN A 125 -18.76 9.74 8.83
C GLN A 125 -18.50 10.48 7.53
N SER A 126 -17.50 10.02 6.78
CA SER A 126 -17.12 10.63 5.51
C SER A 126 -18.29 10.63 4.53
N ALA A 127 -19.09 9.57 4.55
CA ALA A 127 -20.28 9.50 3.73
C ALA A 127 -21.34 10.50 4.19
N ARG A 128 -21.63 10.49 5.49
CA ARG A 128 -22.64 11.43 6.02
C ARG A 128 -22.28 12.84 5.64
N GLY A 129 -21.01 13.19 5.77
CA GLY A 129 -20.48 14.42 5.23
C GLY A 129 -20.42 15.54 6.26
N ILE A 130 -19.68 16.57 5.91
CA ILE A 130 -19.44 17.66 6.87
C ILE A 130 -20.65 18.56 7.03
N TYR A 131 -21.62 18.48 6.11
CA TYR A 131 -22.76 19.40 6.14
C TYR A 131 -23.92 18.91 7.00
N GLN A 132 -23.74 17.78 7.66
CA GLN A 132 -24.67 17.26 8.64
C GLN A 132 -23.98 17.23 10.00
N PRO A 133 -24.70 17.44 11.08
CA PRO A 133 -24.13 17.14 12.40
C PRO A 133 -23.92 15.65 12.54
N ALA A 134 -22.93 15.30 13.35
CA ALA A 134 -22.66 13.91 13.66
C ALA A 134 -23.81 13.33 14.46
N VAL A 135 -24.01 12.02 14.33
CA VAL A 135 -24.98 11.32 15.19
C VAL A 135 -24.36 11.11 16.56
N PRO A 136 -25.08 11.35 17.66
CA PRO A 136 -24.47 11.21 18.99
C PRO A 136 -24.11 9.77 19.32
N GLN A 137 -22.93 9.60 19.95
CA GLN A 137 -22.46 8.27 20.32
C GLN A 137 -23.49 7.54 21.18
N ARG A 138 -24.31 8.27 21.93
CA ARG A 138 -25.33 7.61 22.76
C ARG A 138 -26.37 6.90 21.90
N ILE A 139 -26.65 7.42 20.72
CA ILE A 139 -27.61 6.77 19.83
C ILE A 139 -26.98 5.55 19.16
N ILE A 140 -25.70 5.65 18.79
CA ILE A 140 -24.97 4.52 18.24
C ILE A 140 -24.86 3.41 19.27
N ASP A 141 -24.66 3.78 20.52
CA ASP A 141 -24.43 2.83 21.60
C ASP A 141 -25.66 1.99 21.92
N GLU A 142 -26.82 2.36 21.40
CA GLU A 142 -28.04 1.57 21.55
C GLU A 142 -28.08 0.40 20.57
N CYS A 143 -27.16 0.34 19.63
CA CYS A 143 -27.13 -0.73 18.65
C CYS A 143 -26.49 -1.98 19.26
N SER A 144 -26.84 -3.13 18.68
CA SER A 144 -26.35 -4.40 19.18
C SER A 144 -25.34 -5.07 18.26
N THR A 145 -25.02 -4.50 17.10
CA THR A 145 -23.99 -5.08 16.25
C THR A 145 -23.17 -3.95 15.65
N VAL A 146 -21.94 -4.28 15.26
CA VAL A 146 -21.12 -3.30 14.55
C VAL A 146 -21.79 -2.83 13.27
N THR A 147 -22.38 -3.75 12.49
CA THR A 147 -23.07 -3.29 11.26
C THR A 147 -24.20 -2.31 11.57
N ALA A 148 -25.01 -2.60 12.58
CA ALA A 148 -26.02 -1.62 13.02
C ALA A 148 -25.38 -0.30 13.42
N ARG A 149 -24.30 -0.35 14.21
CA ARG A 149 -23.62 0.87 14.62
C ARG A 149 -23.17 1.67 13.42
N PHE A 150 -22.65 1.01 12.38
CA PHE A 150 -22.24 1.73 11.16
C PHE A 150 -23.45 2.43 10.52
N MET A 151 -24.56 1.73 10.38
CA MET A 151 -25.69 2.33 9.67
C MET A 151 -26.33 3.44 10.51
N THR A 152 -26.28 3.32 11.83
CA THR A 152 -26.75 4.39 12.71
C THR A 152 -25.85 5.62 12.60
N ARG A 153 -24.52 5.42 12.72
CA ARG A 153 -23.57 6.52 12.62
C ARG A 153 -23.73 7.30 11.34
N TRP A 154 -24.10 6.61 10.24
CA TRP A 154 -24.20 7.24 8.94
C TRP A 154 -25.56 7.88 8.70
N GLN A 155 -26.64 7.13 8.95
CA GLN A 155 -27.99 7.53 8.55
C GLN A 155 -28.82 8.08 9.69
N GLY A 156 -28.38 7.95 10.94
CA GLY A 156 -29.14 8.41 12.08
C GLY A 156 -30.22 7.44 12.55
N GLU A 157 -31.19 7.14 11.70
CA GLU A 157 -32.24 6.18 12.05
C GLU A 157 -32.40 5.18 10.92
N PRO A 158 -31.45 4.25 10.76
CA PRO A 158 -31.51 3.32 9.62
C PRO A 158 -32.64 2.31 9.77
N ASP A 159 -33.15 1.85 8.62
CA ASP A 159 -34.17 0.80 8.60
C ASP A 159 -33.55 -0.54 8.96
N PRO A 160 -34.11 -1.28 9.93
CA PRO A 160 -33.55 -2.59 10.29
C PRO A 160 -33.30 -3.51 9.10
N ARG A 161 -34.20 -3.50 8.11
CA ARG A 161 -34.01 -4.31 6.90
C ARG A 161 -32.77 -3.89 6.14
N HIS A 162 -32.44 -2.60 6.17
CA HIS A 162 -31.25 -2.12 5.48
C HIS A 162 -29.98 -2.55 6.20
N ILE A 163 -30.03 -2.59 7.54
CA ILE A 163 -28.91 -3.17 8.29
C ILE A 163 -28.75 -4.65 7.92
N GLU A 164 -29.86 -5.36 7.77
CA GLU A 164 -29.79 -6.78 7.39
C GLU A 164 -29.17 -6.92 6.01
N ALA A 165 -29.59 -6.08 5.08
CA ALA A 165 -28.98 -6.09 3.75
C ALA A 165 -27.48 -5.87 3.80
N ILE A 166 -27.01 -4.86 4.56
CA ILE A 166 -25.57 -4.61 4.59
C ILE A 166 -24.83 -5.76 5.23
N ASP A 167 -25.44 -6.40 6.23
CA ASP A 167 -24.79 -7.50 6.91
C ASP A 167 -24.63 -8.69 5.97
N ALA A 168 -25.63 -8.94 5.14
CA ALA A 168 -25.51 -10.00 4.13
C ALA A 168 -24.41 -9.65 3.14
N TYR A 169 -24.41 -8.40 2.68
CA TYR A 169 -23.41 -7.95 1.69
C TYR A 169 -22.00 -8.03 2.25
N TRP A 170 -21.77 -7.40 3.42
CA TRP A 170 -20.41 -7.35 3.94
C TRP A 170 -19.83 -8.75 4.15
N VAL A 171 -20.64 -9.67 4.67
CA VAL A 171 -20.16 -11.03 4.92
C VAL A 171 -19.81 -11.71 3.59
N SER A 172 -20.62 -11.49 2.56
CA SER A 172 -20.36 -12.03 1.23
C SER A 172 -19.14 -11.40 0.58
N ALA A 173 -18.76 -10.20 1.03
CA ALA A 173 -17.63 -9.48 0.44
C ALA A 173 -16.37 -9.55 1.31
N ALA A 174 -16.43 -10.20 2.47
CA ALA A 174 -15.34 -10.06 3.45
C ALA A 174 -13.99 -10.53 2.90
N GLU A 175 -13.98 -11.62 2.10
CA GLU A 175 -12.72 -12.24 1.75
C GLU A 175 -12.88 -13.00 0.43
N HIS A 176 -11.88 -12.91 -0.43
CA HIS A 176 -11.95 -13.65 -1.68
C HIS A 176 -10.56 -13.94 -2.27
N GLY A 177 -9.65 -14.43 -1.43
CA GLY A 177 -8.37 -14.86 -1.95
C GLY A 177 -7.50 -13.70 -2.38
N MET A 178 -6.52 -14.01 -3.22
CA MET A 178 -5.53 -13.00 -3.55
C MET A 178 -6.12 -12.06 -4.60
N ASN A 179 -6.04 -10.76 -4.33
CA ASN A 179 -6.35 -9.72 -5.29
C ASN A 179 -5.39 -8.60 -4.99
N ALA A 180 -5.49 -7.49 -5.73
CA ALA A 180 -4.39 -6.56 -5.67
C ALA A 180 -4.33 -5.87 -4.29
N SER A 181 -5.47 -5.62 -3.66
CA SER A 181 -5.43 -4.96 -2.35
C SER A 181 -5.02 -5.92 -1.26
N THR A 182 -5.53 -7.16 -1.28
CA THR A 182 -5.06 -8.13 -0.30
C THR A 182 -3.56 -8.37 -0.47
N PHE A 183 -3.09 -8.42 -1.71
CA PHE A 183 -1.67 -8.62 -1.96
C PHE A 183 -0.85 -7.46 -1.41
N THR A 184 -1.33 -6.22 -1.59
CA THR A 184 -0.63 -5.05 -1.07
C THR A 184 -0.56 -5.06 0.45
N ALA A 185 -1.66 -5.43 1.10
CA ALA A 185 -1.64 -5.53 2.56
C ALA A 185 -0.58 -6.51 3.02
N ARG A 186 -0.51 -7.69 2.38
CA ARG A 186 0.49 -8.66 2.79
C ARG A 186 1.89 -8.17 2.47
N VAL A 187 2.09 -7.52 1.32
CA VAL A 187 3.44 -7.08 1.00
C VAL A 187 3.91 -6.09 2.05
N ILE A 188 3.05 -5.13 2.38
CA ILE A 188 3.45 -4.14 3.38
C ILE A 188 3.66 -4.79 4.72
N ALA A 189 2.74 -5.67 5.12
CA ALA A 189 2.91 -6.38 6.37
C ALA A 189 4.19 -7.21 6.38
N SER A 190 4.62 -7.72 5.22
CA SER A 190 5.83 -8.53 5.14
C SER A 190 7.10 -7.72 5.45
N THR A 191 7.04 -6.38 5.33
CA THR A 191 8.18 -5.54 5.73
C THR A 191 8.27 -5.33 7.24
N GLY A 192 7.32 -5.86 8.01
CA GLY A 192 7.29 -5.58 9.43
C GLY A 192 6.63 -4.26 9.79
N ALA A 193 6.06 -3.55 8.82
CA ALA A 193 5.37 -2.27 9.06
C ALA A 193 4.22 -2.42 10.06
N ASP A 194 3.73 -1.28 10.57
CA ASP A 194 2.60 -1.36 11.49
C ASP A 194 1.34 -1.64 10.69
N VAL A 195 0.30 -2.17 11.36
CA VAL A 195 -0.86 -2.66 10.65
C VAL A 195 -1.71 -1.53 10.04
N ALA A 196 -1.60 -0.31 10.55
CA ALA A 196 -2.35 0.80 9.95
C ALA A 196 -1.73 1.21 8.62
N ALA A 197 -0.40 1.10 8.53
CA ALA A 197 0.25 1.37 7.25
C ALA A 197 -0.09 0.30 6.22
N ALA A 198 -0.29 -0.96 6.65
CA ALA A 198 -0.68 -1.99 5.70
C ALA A 198 -2.12 -1.80 5.24
N LEU A 199 -3.03 -1.47 6.18
CA LEU A 199 -4.40 -1.23 5.78
C LEU A 199 -4.50 -0.01 4.87
N SER A 200 -3.77 1.06 5.16
CA SER A 200 -3.85 2.26 4.34
C SER A 200 -3.40 1.98 2.91
N GLY A 201 -2.27 1.29 2.74
CA GLY A 201 -1.82 0.98 1.39
C GLY A 201 -2.77 0.05 0.65
N ALA A 202 -3.40 -0.89 1.38
CA ALA A 202 -4.39 -1.75 0.74
C ALA A 202 -5.51 -0.92 0.14
N ILE A 203 -5.93 0.14 0.84
CA ILE A 203 -6.99 1.01 0.35
C ILE A 203 -6.56 1.67 -0.94
N GLY A 204 -5.29 2.02 -1.04
CA GLY A 204 -4.80 2.62 -2.27
C GLY A 204 -4.93 1.67 -3.45
N ALA A 205 -4.62 0.38 -3.23
CA ALA A 205 -4.76 -0.58 -4.32
C ALA A 205 -6.22 -0.87 -4.62
N MET A 206 -7.05 -0.98 -3.59
CA MET A 206 -8.49 -1.21 -3.78
C MET A 206 -9.08 -0.14 -4.69
N SER A 207 -8.50 1.07 -4.68
CA SER A 207 -9.09 2.22 -5.35
C SER A 207 -8.94 2.19 -6.87
N GLY A 208 -8.05 1.37 -7.43
CA GLY A 208 -7.87 1.35 -8.86
C GLY A 208 -9.04 0.72 -9.57
N PRO A 209 -9.40 1.25 -10.75
CA PRO A 209 -10.59 0.72 -11.47
C PRO A 209 -10.44 -0.72 -11.92
N LEU A 210 -9.22 -1.22 -11.99
CA LEU A 210 -8.93 -2.59 -12.45
C LEU A 210 -8.77 -3.59 -11.30
N HIS A 211 -8.88 -3.15 -10.06
CA HIS A 211 -8.82 -4.11 -8.96
C HIS A 211 -9.92 -5.14 -9.11
N GLY A 212 -11.10 -4.70 -9.53
CA GLY A 212 -12.25 -5.56 -9.67
C GLY A 212 -12.97 -5.75 -8.35
N GLY A 213 -14.18 -6.27 -8.45
CA GLY A 213 -15.00 -6.57 -7.29
C GLY A 213 -15.93 -5.46 -6.84
N ALA A 214 -15.81 -4.27 -7.42
CA ALA A 214 -16.68 -3.17 -7.02
C ALA A 214 -18.11 -3.39 -7.49
N PRO A 215 -19.10 -2.92 -6.74
CA PRO A 215 -20.49 -3.06 -7.19
C PRO A 215 -20.66 -2.56 -8.61
N ALA A 216 -21.44 -3.31 -9.41
CA ALA A 216 -21.63 -3.01 -10.82
C ALA A 216 -22.51 -1.78 -11.03
N ARG A 217 -22.26 -1.07 -12.13
CA ARG A 217 -22.95 0.19 -12.45
C ARG A 217 -24.25 -0.10 -13.21
N VAL A 218 -25.19 -0.71 -12.49
CA VAL A 218 -26.39 -1.25 -13.12
C VAL A 218 -27.62 -0.41 -12.82
N LEU A 219 -27.48 0.68 -12.07
CA LEU A 219 -28.66 1.48 -11.74
C LEU A 219 -29.30 2.11 -12.96
N PRO A 220 -28.57 2.63 -13.95
CA PRO A 220 -29.25 3.17 -15.14
C PRO A 220 -30.10 2.13 -15.87
N MET A 221 -29.52 0.96 -16.15
CA MET A 221 -30.26 -0.10 -16.82
C MET A 221 -31.48 -0.49 -16.00
N LEU A 222 -31.31 -0.66 -14.68
CA LEU A 222 -32.44 -0.99 -13.82
C LEU A 222 -33.49 0.11 -13.81
N ASP A 223 -33.05 1.35 -14.03
CA ASP A 223 -34.00 2.47 -14.03
C ASP A 223 -34.84 2.46 -15.28
N GLU A 224 -34.22 2.16 -16.44
CA GLU A 224 -34.95 2.12 -17.69
C GLU A 224 -35.97 0.98 -17.71
N VAL A 225 -35.57 -0.21 -17.27
CA VAL A 225 -36.51 -1.33 -17.22
C VAL A 225 -37.65 -1.02 -16.27
N GLU A 226 -37.39 -0.24 -15.21
CA GLU A 226 -38.46 0.18 -14.32
C GLU A 226 -39.46 1.08 -15.03
N ARG A 227 -39.00 1.90 -15.98
CA ARG A 227 -39.91 2.76 -16.73
C ARG A 227 -40.39 2.09 -18.02
N ALA A 228 -39.47 1.66 -18.87
CA ALA A 228 -39.83 1.06 -20.15
C ALA A 228 -40.66 -0.21 -19.96
N GLY A 229 -40.38 -0.98 -18.91
CA GLY A 229 -41.22 -2.10 -18.53
C GLY A 229 -40.81 -3.44 -19.11
N ASP A 230 -39.94 -3.48 -20.12
CA ASP A 230 -39.60 -4.75 -20.78
C ASP A 230 -38.10 -4.99 -20.65
N ALA A 231 -37.74 -5.95 -19.81
CA ALA A 231 -36.33 -6.24 -19.58
C ALA A 231 -35.63 -6.68 -20.86
N ARG A 232 -36.22 -7.66 -21.57
CA ARG A 232 -35.55 -8.23 -22.74
C ARG A 232 -35.30 -7.18 -23.82
N SER A 233 -36.17 -6.16 -23.91
CA SER A 233 -35.99 -5.11 -24.91
C SER A 233 -34.78 -4.23 -24.60
N VAL A 234 -34.68 -3.76 -23.35
CA VAL A 234 -33.60 -2.86 -22.97
C VAL A 234 -32.25 -3.54 -23.12
N VAL A 235 -32.13 -4.80 -22.68
CA VAL A 235 -30.82 -5.47 -22.77
C VAL A 235 -30.40 -5.62 -24.23
N LYS A 236 -31.35 -5.88 -25.14
CA LYS A 236 -30.98 -5.95 -26.55
C LYS A 236 -30.60 -4.58 -27.09
N GLY A 237 -31.32 -3.53 -26.71
CA GLY A 237 -30.91 -2.19 -27.04
C GLY A 237 -29.46 -1.94 -26.67
N ILE A 238 -29.12 -2.15 -25.40
CA ILE A 238 -27.78 -1.85 -24.88
C ILE A 238 -26.70 -2.60 -25.64
N LEU A 239 -26.95 -3.86 -26.01
CA LEU A 239 -25.95 -4.57 -26.80
C LEU A 239 -25.94 -4.11 -28.25
N ASP A 240 -27.10 -3.67 -28.75
CA ASP A 240 -27.16 -3.18 -30.13
C ASP A 240 -26.49 -1.82 -30.28
N ARG A 241 -26.63 -0.96 -29.27
CA ARG A 241 -25.91 0.32 -29.25
C ARG A 241 -24.40 0.16 -29.06
N GLY A 242 -23.89 -1.08 -28.96
CA GLY A 242 -22.48 -1.33 -28.80
C GLY A 242 -21.94 -1.25 -27.39
N GLU A 243 -22.80 -1.02 -26.40
CA GLU A 243 -22.39 -0.93 -25.01
C GLU A 243 -22.34 -2.31 -24.37
N LYS A 244 -21.72 -2.38 -23.19
CA LYS A 244 -21.54 -3.63 -22.46
C LYS A 244 -22.62 -3.78 -21.40
N LEU A 245 -23.21 -4.97 -21.33
CA LEU A 245 -24.22 -5.26 -20.32
C LEU A 245 -23.55 -5.30 -18.95
N MET A 246 -24.02 -4.45 -18.04
CA MET A 246 -23.31 -4.25 -16.79
C MET A 246 -23.70 -5.35 -15.82
N GLY A 247 -22.70 -6.00 -15.20
CA GLY A 247 -23.00 -6.98 -14.17
C GLY A 247 -23.13 -8.42 -14.64
N PHE A 248 -22.71 -8.72 -15.86
CA PHE A 248 -22.83 -10.04 -16.47
C PHE A 248 -21.59 -10.29 -17.30
N GLY A 249 -21.06 -11.52 -17.24
CA GLY A 249 -19.88 -11.84 -18.02
C GLY A 249 -19.44 -13.27 -17.82
N HIS A 250 -18.20 -13.54 -18.19
CA HIS A 250 -17.64 -14.88 -18.07
C HIS A 250 -17.77 -15.41 -16.66
N ARG A 251 -17.85 -16.74 -16.54
CA ARG A 251 -18.09 -17.33 -15.23
C ARG A 251 -16.89 -17.10 -14.31
N VAL A 252 -17.18 -17.02 -13.04
CA VAL A 252 -16.16 -16.90 -12.01
C VAL A 252 -16.04 -18.19 -11.24
N TYR A 253 -17.16 -18.66 -10.69
CA TYR A 253 -17.26 -20.01 -10.19
C TYR A 253 -17.64 -20.93 -11.35
N ARG A 254 -17.75 -22.22 -11.05
CA ARG A 254 -18.07 -23.19 -12.08
C ARG A 254 -19.41 -22.85 -12.72
N ALA A 255 -20.42 -22.56 -11.90
CA ALA A 255 -21.69 -22.08 -12.39
C ALA A 255 -22.05 -20.78 -11.69
N GLU A 256 -23.05 -20.82 -10.83
CA GLU A 256 -23.52 -19.60 -10.18
C GLU A 256 -22.51 -19.23 -9.09
N ASP A 257 -22.12 -17.94 -9.03
CA ASP A 257 -21.30 -17.45 -7.91
C ASP A 257 -22.14 -17.60 -6.64
N PRO A 258 -21.69 -18.35 -5.65
CA PRO A 258 -22.51 -18.50 -4.42
C PRO A 258 -22.81 -17.17 -3.75
N ARG A 259 -21.93 -16.19 -3.90
CA ARG A 259 -22.19 -14.87 -3.31
C ARG A 259 -23.33 -14.18 -4.04
N ALA A 260 -23.43 -14.37 -5.37
CA ALA A 260 -24.57 -13.80 -6.08
C ALA A 260 -25.88 -14.40 -5.59
N ARG A 261 -25.89 -15.72 -5.39
CA ARG A 261 -27.11 -16.39 -4.93
C ARG A 261 -27.59 -15.82 -3.60
N VAL A 262 -26.69 -15.75 -2.60
CA VAL A 262 -27.10 -15.33 -1.26
C VAL A 262 -27.53 -13.86 -1.24
N LEU A 263 -26.97 -13.03 -2.13
CA LEU A 263 -27.40 -11.62 -2.16
C LEU A 263 -28.75 -11.48 -2.84
N ARG A 264 -28.93 -12.18 -3.97
CA ARG A 264 -30.26 -12.22 -4.58
C ARG A 264 -31.29 -12.66 -3.55
N ALA A 265 -30.97 -13.71 -2.78
CA ALA A 265 -31.95 -14.23 -1.82
C ALA A 265 -32.24 -13.21 -0.71
N ALA A 266 -31.21 -12.46 -0.28
CA ALA A 266 -31.45 -11.43 0.72
C ALA A 266 -32.34 -10.32 0.17
N ALA A 267 -32.08 -9.86 -1.05
CA ALA A 267 -32.92 -8.85 -1.67
C ALA A 267 -34.37 -9.32 -1.78
N GLU A 268 -34.58 -10.59 -2.13
CA GLU A 268 -35.94 -11.13 -2.14
C GLU A 268 -36.52 -11.16 -0.74
N ARG A 269 -35.76 -11.69 0.22
CA ARG A 269 -36.27 -11.87 1.57
C ARG A 269 -36.59 -10.54 2.23
N LEU A 270 -35.74 -9.54 2.04
CA LEU A 270 -35.93 -8.25 2.70
C LEU A 270 -36.93 -7.36 1.99
N GLY A 271 -37.43 -7.77 0.83
CA GLY A 271 -38.45 -7.00 0.15
C GLY A 271 -37.92 -5.81 -0.62
N ALA A 272 -36.72 -5.92 -1.17
CA ALA A 272 -36.12 -4.84 -1.94
C ALA A 272 -37.06 -4.40 -3.06
N PRO A 273 -37.45 -3.13 -3.14
CA PRO A 273 -38.33 -2.67 -4.24
C PRO A 273 -37.80 -2.96 -5.63
N ARG A 274 -36.49 -2.97 -5.86
CA ARG A 274 -36.01 -3.26 -7.20
C ARG A 274 -35.88 -4.76 -7.48
N TYR A 275 -36.31 -5.63 -6.56
CA TYR A 275 -36.03 -7.05 -6.73
C TYR A 275 -36.66 -7.61 -7.99
N GLU A 276 -37.92 -7.25 -8.27
CA GLU A 276 -38.63 -7.85 -9.40
C GLU A 276 -38.01 -7.46 -10.73
N VAL A 277 -37.72 -6.17 -10.91
CA VAL A 277 -37.05 -5.72 -12.12
C VAL A 277 -35.66 -6.32 -12.24
N ALA A 278 -34.94 -6.43 -11.12
CA ALA A 278 -33.57 -6.96 -11.19
C ALA A 278 -33.57 -8.43 -11.61
N VAL A 279 -34.47 -9.23 -11.03
CA VAL A 279 -34.58 -10.62 -11.46
C VAL A 279 -34.95 -10.71 -12.94
N ALA A 280 -35.92 -9.90 -13.38
CA ALA A 280 -36.26 -9.85 -14.79
C ALA A 280 -35.06 -9.44 -15.63
N VAL A 281 -34.22 -8.56 -15.11
CA VAL A 281 -33.05 -8.12 -15.86
C VAL A 281 -32.01 -9.22 -15.89
N GLU A 282 -31.86 -9.96 -14.78
CA GLU A 282 -30.90 -11.05 -14.75
C GLU A 282 -31.26 -12.15 -15.75
N GLN A 283 -32.53 -12.57 -15.77
CA GLN A 283 -32.93 -13.61 -16.72
C GLN A 283 -32.80 -13.13 -18.16
N ALA A 284 -33.30 -11.93 -18.45
CA ALA A 284 -33.19 -11.37 -19.80
C ALA A 284 -31.74 -11.24 -20.24
N ALA A 285 -30.87 -10.71 -19.37
CA ALA A 285 -29.48 -10.51 -19.74
C ALA A 285 -28.78 -11.84 -19.98
N LEU A 286 -29.03 -12.81 -19.10
CA LEU A 286 -28.39 -14.12 -19.24
C LEU A 286 -28.86 -14.82 -20.52
N SER A 287 -30.16 -14.79 -20.80
CA SER A 287 -30.65 -15.41 -22.03
C SER A 287 -30.08 -14.71 -23.26
N GLU A 288 -30.15 -13.37 -23.29
CA GLU A 288 -29.70 -12.65 -24.46
C GLU A 288 -28.19 -12.79 -24.68
N LEU A 289 -27.39 -12.74 -23.61
CA LEU A 289 -25.95 -12.90 -23.78
C LEU A 289 -25.59 -14.32 -24.21
N ARG A 290 -26.24 -15.31 -23.60
CA ARG A 290 -25.93 -16.70 -23.93
C ARG A 290 -26.42 -17.05 -25.33
N GLU A 291 -27.56 -16.50 -25.73
CA GLU A 291 -28.07 -16.79 -27.06
C GLU A 291 -27.20 -16.15 -28.15
N ARG A 292 -26.55 -15.03 -27.85
CA ARG A 292 -25.68 -14.38 -28.83
C ARG A 292 -24.30 -15.03 -28.92
N ARG A 293 -23.90 -15.79 -27.90
CA ARG A 293 -22.61 -16.48 -27.90
C ARG A 293 -22.79 -17.80 -27.17
N PRO A 294 -23.33 -18.80 -27.86
CA PRO A 294 -23.56 -20.10 -27.21
C PRO A 294 -22.29 -20.77 -26.76
N ASP A 295 -21.14 -20.37 -27.30
CA ASP A 295 -19.87 -21.01 -26.97
C ASP A 295 -19.22 -20.39 -25.75
N ARG A 296 -19.85 -19.41 -25.13
CA ARG A 296 -19.24 -18.70 -24.00
C ARG A 296 -20.05 -18.98 -22.73
N ALA A 297 -19.33 -19.21 -21.64
CA ALA A 297 -19.96 -19.30 -20.33
C ALA A 297 -20.30 -17.88 -19.83
N ILE A 298 -21.56 -17.65 -19.50
CA ILE A 298 -22.03 -16.37 -18.97
C ILE A 298 -22.71 -16.67 -17.65
N GLU A 299 -22.37 -15.91 -16.59
CA GLU A 299 -23.09 -16.00 -15.33
C GLU A 299 -23.28 -14.58 -14.79
N THR A 300 -24.15 -14.44 -13.79
CA THR A 300 -24.38 -13.13 -13.16
C THR A 300 -23.21 -12.81 -12.23
N ASN A 301 -22.52 -11.69 -12.47
CA ASN A 301 -21.55 -11.19 -11.49
C ASN A 301 -22.22 -10.93 -10.15
N VAL A 302 -21.58 -11.41 -9.08
CA VAL A 302 -22.05 -11.08 -7.73
C VAL A 302 -22.24 -9.58 -7.61
N GLU A 303 -21.41 -8.81 -8.33
CA GLU A 303 -21.43 -7.36 -8.24
C GLU A 303 -22.73 -6.77 -8.77
N PHE A 304 -23.47 -7.53 -9.59
CA PHE A 304 -24.79 -7.08 -10.01
C PHE A 304 -25.75 -7.02 -8.82
N TRP A 305 -25.82 -8.10 -8.04
CA TRP A 305 -26.71 -8.07 -6.89
C TRP A 305 -26.12 -7.25 -5.75
N ALA A 306 -24.79 -7.13 -5.68
CA ALA A 306 -24.19 -6.23 -4.70
C ALA A 306 -24.74 -4.81 -4.85
N ALA A 307 -24.77 -4.30 -6.08
CA ALA A 307 -25.37 -2.99 -6.36
C ALA A 307 -26.83 -2.92 -5.94
N VAL A 308 -27.59 -3.98 -6.22
CA VAL A 308 -29.00 -3.99 -5.84
C VAL A 308 -29.14 -3.90 -4.33
N VAL A 309 -28.41 -4.75 -3.61
CA VAL A 309 -28.55 -4.81 -2.16
C VAL A 309 -28.11 -3.49 -1.55
N LEU A 310 -27.08 -2.86 -2.13
CA LEU A 310 -26.52 -1.63 -1.56
C LEU A 310 -27.43 -0.44 -1.85
N ASP A 311 -27.91 -0.34 -3.09
CA ASP A 311 -28.96 0.62 -3.40
C ASP A 311 -30.17 0.45 -2.50
N PHE A 312 -30.57 -0.79 -2.24
CA PHE A 312 -31.67 -1.05 -1.30
C PHE A 312 -31.40 -0.36 0.04
N ALA A 313 -30.19 -0.50 0.58
CA ALA A 313 -29.85 0.06 1.88
C ALA A 313 -29.60 1.58 1.84
N ARG A 314 -30.03 2.26 0.78
CA ARG A 314 -29.90 3.71 0.54
C ARG A 314 -28.45 4.15 0.35
N VAL A 315 -27.56 3.24 -0.07
CA VAL A 315 -26.19 3.60 -0.40
C VAL A 315 -26.14 4.25 -1.78
N PRO A 316 -25.66 5.48 -1.90
CA PRO A 316 -25.54 6.08 -3.23
C PRO A 316 -24.46 5.42 -4.05
N ALA A 317 -24.63 5.45 -5.37
CA ALA A 317 -23.64 4.84 -6.25
C ALA A 317 -22.22 5.30 -5.92
N ASN A 318 -22.03 6.58 -5.62
CA ASN A 318 -20.66 7.05 -5.36
C ASN A 318 -20.09 6.51 -4.06
N MET A 319 -20.92 5.90 -3.22
N MET A 319 -20.93 5.90 -3.21
CA MET A 319 -20.47 5.33 -1.95
CA MET A 319 -20.53 5.34 -1.92
C MET A 319 -20.22 3.83 -2.04
C MET A 319 -20.50 3.82 -1.91
N MET A 320 -20.77 3.15 -3.04
CA MET A 320 -20.66 1.69 -3.06
C MET A 320 -19.23 1.13 -3.10
N PRO A 321 -18.25 1.70 -3.81
CA PRO A 321 -16.86 1.21 -3.63
C PRO A 321 -16.40 1.26 -2.18
N ALA A 322 -16.79 2.30 -1.44
CA ALA A 322 -16.42 2.42 -0.04
C ALA A 322 -17.07 1.32 0.79
N MET A 323 -18.33 0.95 0.47
CA MET A 323 -18.97 -0.16 1.18
C MET A 323 -18.24 -1.48 0.91
N PHE A 324 -17.78 -1.69 -0.34
CA PHE A 324 -17.00 -2.89 -0.67
C PHE A 324 -15.71 -2.91 0.15
N THR A 325 -15.05 -1.75 0.27
CA THR A 325 -13.85 -1.68 1.11
C THR A 325 -14.16 -2.05 2.56
N CYS A 326 -15.26 -1.53 3.10
CA CYS A 326 -15.64 -1.85 4.47
C CYS A 326 -15.73 -3.37 4.66
N GLY A 327 -16.48 -4.07 3.81
CA GLY A 327 -16.54 -5.51 3.92
C GLY A 327 -15.17 -6.16 3.83
N ARG A 328 -14.37 -5.75 2.84
CA ARG A 328 -13.09 -6.45 2.61
C ARG A 328 -12.09 -6.22 3.72
N THR A 329 -12.33 -5.27 4.63
CA THR A 329 -11.42 -5.10 5.76
C THR A 329 -11.24 -6.40 6.53
N ALA A 330 -12.27 -7.24 6.59
CA ALA A 330 -12.13 -8.51 7.30
C ALA A 330 -11.05 -9.39 6.63
N GLY A 331 -11.12 -9.54 5.31
CA GLY A 331 -10.09 -10.30 4.62
C GLY A 331 -8.73 -9.65 4.73
N TRP A 332 -8.66 -8.32 4.63
CA TRP A 332 -7.36 -7.69 4.72
C TRP A 332 -6.71 -7.98 6.05
N CYS A 333 -7.47 -7.87 7.14
CA CYS A 333 -6.87 -8.08 8.46
C CYS A 333 -6.43 -9.52 8.65
N ALA A 334 -7.26 -10.47 8.19
CA ALA A 334 -6.87 -11.88 8.27
C ALA A 334 -5.55 -12.13 7.56
N HIS A 335 -5.39 -11.59 6.34
CA HIS A 335 -4.13 -11.80 5.61
C HIS A 335 -2.95 -11.07 6.24
N ILE A 336 -3.17 -9.88 6.82
CA ILE A 336 -2.09 -9.22 7.56
C ILE A 336 -1.66 -10.07 8.73
N LEU A 337 -2.62 -10.64 9.45
CA LEU A 337 -2.21 -11.46 10.60
C LEU A 337 -1.52 -12.72 10.11
N GLU A 338 -2.02 -13.33 9.04
CA GLU A 338 -1.36 -14.53 8.53
C GLU A 338 0.04 -14.24 8.01
N GLN A 339 0.20 -13.11 7.29
CA GLN A 339 1.53 -12.69 6.87
C GLN A 339 2.45 -12.41 8.06
N LYS A 340 1.91 -11.88 9.16
CA LYS A 340 2.74 -11.69 10.34
C LYS A 340 3.27 -13.04 10.81
N ARG A 341 2.39 -14.05 10.84
CA ARG A 341 2.83 -15.36 11.32
C ARG A 341 3.77 -16.05 10.34
N LEU A 342 3.58 -15.81 9.03
CA LEU A 342 4.53 -16.34 8.04
C LEU A 342 5.92 -15.80 8.26
N GLY A 343 6.05 -14.50 8.54
CA GLY A 343 7.35 -13.91 8.80
C GLY A 343 8.33 -13.97 7.65
N LYS A 344 7.88 -13.72 6.42
CA LYS A 344 8.74 -13.77 5.25
C LYS A 344 8.54 -12.51 4.42
N LEU A 345 9.60 -11.72 4.28
CA LEU A 345 9.56 -10.56 3.40
C LEU A 345 9.23 -11.00 1.97
N VAL A 346 8.29 -10.29 1.34
CA VAL A 346 7.97 -10.58 -0.05
C VAL A 346 8.97 -9.82 -0.93
N ARG A 347 9.67 -10.55 -1.80
CA ARG A 347 10.85 -10.01 -2.49
C ARG A 347 10.98 -10.61 -3.88
N PRO A 348 10.13 -10.19 -4.81
CA PRO A 348 10.28 -10.63 -6.20
C PRO A 348 11.44 -9.89 -6.86
N SER A 349 11.62 -10.14 -8.15
CA SER A 349 12.79 -9.66 -8.87
C SER A 349 12.38 -9.19 -10.25
N ALA A 350 13.29 -8.48 -10.89
CA ALA A 350 13.07 -7.99 -12.24
C ALA A 350 14.34 -8.24 -13.04
N ILE A 351 14.15 -8.43 -14.34
CA ILE A 351 15.26 -8.60 -15.27
C ILE A 351 15.50 -7.28 -15.98
N TYR A 352 16.73 -6.79 -15.91
CA TYR A 352 17.10 -5.56 -16.61
C TYR A 352 17.26 -5.82 -18.09
N VAL A 353 16.64 -4.96 -18.90
CA VAL A 353 16.66 -5.06 -20.36
C VAL A 353 16.88 -3.67 -20.93
N GLY A 354 17.50 -2.79 -20.17
CA GLY A 354 17.69 -1.43 -20.60
C GLY A 354 19.11 -1.17 -21.06
N PRO A 355 19.48 0.12 -21.14
CA PRO A 355 20.82 0.48 -21.62
C PRO A 355 21.97 -0.10 -20.80
N GLY A 356 23.02 -0.54 -21.52
CA GLY A 356 24.24 -0.96 -20.89
C GLY A 356 25.03 0.21 -20.33
N PRO A 357 26.20 -0.07 -19.75
CA PRO A 357 26.98 0.99 -19.10
C PRO A 357 27.32 2.12 -20.06
N ARG A 358 27.20 3.35 -19.56
CA ARG A 358 27.49 4.54 -20.36
C ARG A 358 27.86 5.68 -19.43
N SER A 359 28.51 6.68 -20.01
CA SER A 359 28.97 7.83 -19.24
C SER A 359 27.85 8.84 -19.08
N PRO A 360 27.90 9.67 -18.03
CA PRO A 360 26.89 10.74 -17.91
C PRO A 360 26.81 11.63 -19.14
N GLU A 361 27.95 12.12 -19.61
CA GLU A 361 27.98 13.07 -20.72
C GLU A 361 27.40 12.48 -21.99
N SER A 362 27.30 11.16 -22.09
CA SER A 362 26.74 10.57 -23.29
C SER A 362 25.22 10.60 -23.32
N VAL A 363 24.59 11.03 -22.22
CA VAL A 363 23.14 10.98 -22.08
C VAL A 363 22.55 12.28 -22.61
N ASP A 364 21.46 12.17 -23.37
CA ASP A 364 20.81 13.36 -23.90
C ASP A 364 20.51 14.33 -22.78
N GLY A 365 20.82 15.60 -23.00
CA GLY A 365 20.52 16.61 -22.01
C GLY A 365 21.59 16.87 -20.99
N TRP A 366 22.73 16.17 -21.08
CA TRP A 366 23.82 16.43 -20.14
C TRP A 366 24.25 17.89 -20.19
N GLU A 367 24.09 18.55 -21.34
CA GLU A 367 24.48 19.94 -21.46
C GLU A 367 23.60 20.85 -20.59
N ARG A 368 22.32 20.49 -20.45
CA ARG A 368 21.44 21.20 -19.53
C ARG A 368 21.83 21.02 -18.07
N VAL A 369 22.48 19.91 -17.71
CA VAL A 369 22.80 19.65 -16.31
C VAL A 369 23.87 20.62 -15.83
N LEU A 370 23.70 21.11 -14.61
CA LEU A 370 24.63 22.07 -13.99
C LEU A 370 25.37 21.38 -12.84
N THR A 371 26.67 21.64 -12.71
CA THR A 371 27.49 21.04 -11.66
C THR A 371 27.22 21.69 -10.29
N PHE B 8 7.08 -25.22 -3.61
CA PHE B 8 7.53 -23.85 -3.78
C PHE B 8 7.96 -23.27 -2.43
N VAL B 9 8.58 -22.12 -2.47
CA VAL B 9 9.03 -21.40 -1.27
C VAL B 9 8.16 -20.16 -1.12
N PRO B 10 7.57 -19.93 0.05
CA PRO B 10 6.77 -18.71 0.25
C PRO B 10 7.61 -17.47 0.02
N GLY B 11 6.98 -16.44 -0.54
CA GLY B 11 7.55 -15.11 -0.55
C GLY B 11 8.08 -14.61 -1.87
N LEU B 12 7.75 -15.27 -2.99
CA LEU B 12 8.15 -14.84 -4.34
C LEU B 12 9.66 -14.59 -4.45
N ASP B 13 10.44 -15.12 -3.52
CA ASP B 13 11.87 -14.86 -3.47
C ASP B 13 12.56 -15.22 -4.78
N GLY B 14 13.13 -14.23 -5.47
CA GLY B 14 13.77 -14.49 -6.75
C GLY B 14 12.84 -14.83 -7.90
N VAL B 15 11.52 -14.64 -7.75
CA VAL B 15 10.57 -14.87 -8.83
C VAL B 15 10.51 -13.61 -9.69
N VAL B 16 10.65 -13.78 -11.01
CA VAL B 16 10.74 -12.64 -11.90
C VAL B 16 9.34 -12.10 -12.19
N ALA B 17 9.04 -10.88 -11.74
CA ALA B 17 7.71 -10.31 -11.95
C ALA B 17 7.65 -9.38 -13.15
N PHE B 18 8.76 -8.74 -13.50
CA PHE B 18 8.83 -7.72 -14.54
C PHE B 18 10.19 -7.77 -15.21
N THR B 19 10.25 -7.28 -16.45
CA THR B 19 11.48 -6.76 -17.02
C THR B 19 11.46 -5.24 -16.82
N THR B 20 12.64 -4.63 -16.80
CA THR B 20 12.73 -3.19 -16.61
C THR B 20 13.88 -2.60 -17.42
N GLU B 21 13.69 -1.37 -17.88
CA GLU B 21 14.77 -0.58 -18.47
C GLU B 21 15.28 0.52 -17.54
N ILE B 22 14.80 0.57 -16.29
CA ILE B 22 15.02 1.75 -15.46
C ILE B 22 16.44 1.77 -14.91
N ALA B 23 16.83 0.71 -14.21
CA ALA B 23 18.13 0.65 -13.58
C ALA B 23 18.53 -0.81 -13.41
N GLU B 24 19.80 -1.01 -13.07
CA GLU B 24 20.35 -2.35 -12.98
C GLU B 24 21.21 -2.44 -11.73
N PRO B 25 20.70 -3.03 -10.66
CA PRO B 25 21.57 -3.42 -9.56
C PRO B 25 22.30 -4.69 -10.02
N ASP B 26 23.45 -4.50 -10.63
CA ASP B 26 24.30 -5.60 -11.13
C ASP B 26 25.06 -6.16 -9.94
N LYS B 27 24.41 -7.05 -9.19
CA LYS B 27 24.99 -7.52 -7.94
C LYS B 27 26.19 -8.44 -8.19
N ASP B 28 26.10 -9.29 -9.21
CA ASP B 28 27.24 -10.16 -9.52
C ASP B 28 28.42 -9.36 -10.03
N GLY B 29 28.16 -8.28 -10.78
CA GLY B 29 29.24 -7.40 -11.19
C GLY B 29 29.64 -6.32 -10.21
N GLY B 30 29.05 -6.31 -9.00
CA GLY B 30 29.38 -5.28 -8.02
C GLY B 30 29.14 -3.85 -8.44
N ALA B 31 28.13 -3.58 -9.29
CA ALA B 31 27.87 -2.19 -9.71
C ALA B 31 26.37 -1.91 -9.79
N LEU B 32 26.02 -0.62 -9.64
CA LEU B 32 24.63 -0.16 -9.71
C LEU B 32 24.55 0.97 -10.73
N ARG B 33 23.68 0.81 -11.72
CA ARG B 33 23.55 1.77 -12.81
C ARG B 33 22.11 2.27 -12.89
N TYR B 34 21.95 3.57 -13.12
CA TYR B 34 20.66 4.17 -13.41
C TYR B 34 20.59 4.48 -14.90
N ARG B 35 19.68 3.82 -15.60
CA ARG B 35 19.53 4.00 -17.04
C ARG B 35 20.87 3.87 -17.76
N GLY B 36 21.69 2.90 -17.30
CA GLY B 36 23.01 2.68 -17.85
C GLY B 36 24.12 3.48 -17.20
N VAL B 37 23.78 4.55 -16.47
CA VAL B 37 24.77 5.44 -15.88
C VAL B 37 25.14 4.93 -14.51
N ASP B 38 26.43 4.76 -14.27
CA ASP B 38 26.89 4.28 -12.98
C ASP B 38 26.65 5.34 -11.91
N ILE B 39 26.20 4.90 -10.73
CA ILE B 39 25.90 5.85 -9.66
C ILE B 39 27.15 6.47 -9.10
N GLU B 40 28.30 5.80 -9.24
CA GLU B 40 29.54 6.36 -8.75
C GLU B 40 29.94 7.60 -9.55
N ASP B 41 29.63 7.59 -10.85
CA ASP B 41 29.82 8.78 -11.67
C ASP B 41 28.91 9.90 -11.19
N LEU B 42 27.60 9.62 -11.09
CA LEU B 42 26.63 10.64 -10.70
C LEU B 42 27.02 11.31 -9.39
N VAL B 43 27.34 10.51 -8.35
CA VAL B 43 27.68 11.10 -7.06
C VAL B 43 29.02 11.79 -7.12
N SER B 44 29.98 11.21 -7.84
CA SER B 44 31.29 11.85 -7.95
C SER B 44 31.20 13.15 -8.72
N GLN B 45 30.47 13.17 -9.83
CA GLN B 45 30.33 14.37 -10.62
C GLN B 45 29.20 15.30 -10.12
N ARG B 46 28.73 15.10 -8.88
CA ARG B 46 27.87 16.06 -8.17
C ARG B 46 26.53 16.30 -8.88
N VAL B 47 25.99 15.30 -9.59
CA VAL B 47 24.69 15.47 -10.24
C VAL B 47 23.60 15.53 -9.17
N THR B 48 22.79 16.57 -9.21
CA THR B 48 21.87 16.80 -8.10
C THR B 48 20.70 15.83 -8.19
N PHE B 49 20.03 15.62 -7.05
CA PHE B 49 18.99 14.61 -6.98
C PHE B 49 17.88 14.89 -7.98
N GLY B 50 17.51 16.15 -8.14
CA GLY B 50 16.43 16.45 -9.04
C GLY B 50 16.73 16.11 -10.48
N ASP B 51 18.01 16.11 -10.85
CA ASP B 51 18.42 15.68 -12.19
C ASP B 51 18.44 14.15 -12.30
N VAL B 52 18.84 13.46 -11.22
CA VAL B 52 18.82 12.00 -11.25
C VAL B 52 17.38 11.51 -11.27
N TRP B 53 16.47 12.21 -10.57
CA TRP B 53 15.05 11.92 -10.69
C TRP B 53 14.62 11.90 -12.15
N ALA B 54 14.98 12.94 -12.90
CA ALA B 54 14.58 12.96 -14.30
C ALA B 54 15.26 11.84 -15.06
N LEU B 55 16.52 11.56 -14.73
CA LEU B 55 17.25 10.48 -15.41
C LEU B 55 16.50 9.18 -15.27
N LEU B 56 16.15 8.82 -14.03
CA LEU B 56 15.45 7.56 -13.82
C LEU B 56 14.09 7.55 -14.49
N VAL B 57 13.30 8.63 -14.33
CA VAL B 57 11.91 8.61 -14.80
C VAL B 57 11.85 8.68 -16.32
N ASP B 58 12.62 9.59 -16.91
CA ASP B 58 12.52 9.85 -18.35
C ASP B 58 13.53 9.08 -19.18
N GLY B 59 14.68 8.73 -18.62
CA GLY B 59 15.71 8.08 -19.38
C GLY B 59 16.80 9.02 -19.84
N ASN B 60 16.65 10.32 -19.59
CA ASN B 60 17.64 11.29 -20.00
C ASN B 60 17.55 12.47 -19.03
N PHE B 61 18.55 13.34 -19.07
CA PHE B 61 18.52 14.62 -18.33
C PHE B 61 17.79 15.68 -19.16
N GLY B 62 16.48 15.58 -19.20
CA GLY B 62 15.75 16.53 -20.02
C GLY B 62 14.92 17.54 -19.24
N SER B 63 14.38 17.12 -18.10
CA SER B 63 13.39 17.92 -17.37
C SER B 63 13.60 17.62 -15.88
N GLY B 64 14.47 18.39 -15.25
CA GLY B 64 14.72 18.21 -13.84
C GLY B 64 13.43 18.29 -13.03
N LEU B 65 13.51 17.74 -11.83
CA LEU B 65 12.42 17.86 -10.85
C LEU B 65 12.12 19.35 -10.59
N PRO B 66 10.88 19.80 -10.75
CA PRO B 66 10.58 21.22 -10.49
C PRO B 66 10.57 21.49 -9.00
N PRO B 67 10.70 22.75 -8.56
CA PRO B 67 10.57 23.04 -7.13
C PRO B 67 9.14 22.80 -6.67
N ALA B 68 8.99 22.69 -5.36
CA ALA B 68 7.66 22.49 -4.78
C ALA B 68 6.91 23.81 -4.79
N GLU B 69 5.61 23.76 -5.11
CA GLU B 69 4.75 24.92 -4.88
C GLU B 69 4.51 25.11 -3.39
N PRO B 70 4.09 26.30 -2.95
CA PRO B 70 3.80 26.48 -1.53
C PRO B 70 2.57 25.69 -1.13
N PHE B 71 2.67 24.97 -0.01
CA PHE B 71 1.59 24.09 0.42
C PHE B 71 1.91 23.67 1.84
N PRO B 72 1.40 24.39 2.83
CA PRO B 72 1.60 24.01 4.23
C PRO B 72 1.01 22.64 4.50
N LEU B 73 1.83 21.78 5.10
CA LEU B 73 1.54 20.38 5.32
C LEU B 73 0.29 20.26 6.17
N PRO B 74 -0.77 19.56 5.72
CA PRO B 74 -2.01 19.51 6.52
C PRO B 74 -2.00 18.44 7.60
N ILE B 75 -1.06 17.52 7.59
CA ILE B 75 -1.09 16.39 8.50
C ILE B 75 0.01 16.59 9.52
N HIS B 76 -0.35 16.49 10.81
CA HIS B 76 0.59 16.67 11.93
C HIS B 76 0.36 15.52 12.89
N SER B 77 0.88 14.34 12.56
CA SER B 77 0.56 13.13 13.30
C SER B 77 1.59 12.76 14.34
N GLY B 78 2.76 13.39 14.33
CA GLY B 78 3.83 13.07 15.23
C GLY B 78 4.83 12.11 14.62
N ASP B 79 4.57 11.65 13.40
CA ASP B 79 5.44 10.72 12.69
C ASP B 79 5.69 11.29 11.30
N VAL B 80 6.95 11.56 10.96
CA VAL B 80 7.27 12.17 9.68
C VAL B 80 6.81 11.29 8.53
N ARG B 81 7.08 9.98 8.60
CA ARG B 81 6.59 9.07 7.56
C ARG B 81 5.08 9.12 7.44
N VAL B 82 4.36 9.11 8.56
CA VAL B 82 2.91 9.13 8.48
C VAL B 82 2.41 10.41 7.82
N ASP B 83 2.99 11.55 8.21
CA ASP B 83 2.57 12.83 7.60
C ASP B 83 2.65 12.75 6.08
N VAL B 84 3.76 12.25 5.55
CA VAL B 84 3.91 12.30 4.10
C VAL B 84 3.07 11.20 3.43
N GLN B 85 2.90 10.04 4.08
CA GLN B 85 2.04 9.00 3.52
C GLN B 85 0.59 9.48 3.41
N ALA B 86 0.10 10.09 4.49
CA ALA B 86 -1.28 10.59 4.47
C ALA B 86 -1.40 11.79 3.56
N GLY B 87 -0.50 12.76 3.71
CA GLY B 87 -0.57 13.98 2.92
C GLY B 87 -0.42 13.74 1.43
N LEU B 88 0.38 12.74 1.02
CA LEU B 88 0.46 12.51 -0.42
C LEU B 88 -0.84 11.92 -0.96
N ALA B 89 -1.47 11.01 -0.23
CA ALA B 89 -2.72 10.45 -0.73
C ALA B 89 -3.77 11.54 -0.93
N MET B 90 -3.70 12.57 -0.10
CA MET B 90 -4.65 13.68 -0.08
C MET B 90 -4.47 14.64 -1.26
N LEU B 91 -3.36 14.53 -2.00
CA LEU B 91 -3.12 15.41 -3.13
C LEU B 91 -4.08 15.13 -4.29
N ALA B 92 -4.57 13.91 -4.41
CA ALA B 92 -5.36 13.56 -5.60
C ALA B 92 -6.61 14.42 -5.73
N PRO B 93 -7.51 14.51 -4.74
CA PRO B 93 -8.73 15.32 -4.97
C PRO B 93 -8.46 16.80 -5.20
N ILE B 94 -7.56 17.41 -4.41
CA ILE B 94 -7.35 18.85 -4.55
C ILE B 94 -6.61 19.17 -5.84
N TRP B 95 -5.71 18.30 -6.28
CA TRP B 95 -4.95 18.55 -7.49
C TRP B 95 -5.57 17.89 -8.72
N GLY B 96 -6.63 17.13 -8.55
CA GLY B 96 -7.38 16.64 -9.69
C GLY B 96 -6.75 15.44 -10.35
N TYR B 97 -6.03 14.63 -9.57
CA TYR B 97 -5.37 13.44 -10.10
C TYR B 97 -6.41 12.36 -10.43
N ALA B 98 -6.55 12.04 -11.72
CA ALA B 98 -7.43 10.95 -12.13
C ALA B 98 -6.67 9.61 -12.08
N PRO B 99 -7.40 8.50 -12.08
CA PRO B 99 -6.75 7.18 -12.14
C PRO B 99 -5.79 7.08 -13.32
N LEU B 100 -4.70 6.34 -13.13
CA LEU B 100 -3.72 6.17 -14.21
C LEU B 100 -4.38 5.71 -15.50
N LEU B 101 -5.40 4.85 -15.38
CA LEU B 101 -6.14 4.36 -16.54
C LEU B 101 -6.66 5.49 -17.42
N ASP B 102 -6.96 6.66 -16.84
CA ASP B 102 -7.67 7.71 -17.54
C ASP B 102 -6.77 8.81 -18.08
N ILE B 103 -5.46 8.75 -17.88
CA ILE B 103 -4.60 9.85 -18.28
C ILE B 103 -3.50 9.36 -19.22
N ASP B 104 -2.91 10.31 -19.95
CA ASP B 104 -1.80 9.97 -20.84
C ASP B 104 -0.49 9.98 -20.06
N ASP B 105 0.59 9.57 -20.73
CA ASP B 105 1.89 9.42 -20.07
C ASP B 105 2.46 10.77 -19.68
N ALA B 106 2.26 11.78 -20.50
CA ALA B 106 2.76 13.09 -20.15
C ALA B 106 2.08 13.61 -18.89
N THR B 107 0.77 13.40 -18.77
CA THR B 107 0.06 13.82 -17.57
C THR B 107 0.54 13.04 -16.35
N ALA B 108 0.67 11.72 -16.49
CA ALA B 108 1.18 10.92 -15.38
C ALA B 108 2.57 11.38 -14.95
N ARG B 109 3.44 11.69 -15.92
CA ARG B 109 4.78 12.13 -15.58
C ARG B 109 4.75 13.49 -14.88
N GLN B 110 3.82 14.37 -15.27
CA GLN B 110 3.76 15.67 -14.61
C GLN B 110 3.23 15.52 -13.18
N GLN B 111 2.22 14.66 -12.99
CA GLN B 111 1.67 14.42 -11.67
C GLN B 111 2.70 13.78 -10.75
N LEU B 112 3.48 12.82 -11.27
CA LEU B 112 4.54 12.21 -10.46
C LEU B 112 5.57 13.25 -10.01
N ALA B 113 6.03 14.11 -10.94
CA ALA B 113 7.02 15.10 -10.53
C ALA B 113 6.45 16.06 -9.49
N ARG B 114 5.19 16.47 -9.68
CA ARG B 114 4.59 17.46 -8.78
C ARG B 114 4.40 16.88 -7.39
N ALA B 115 4.02 15.60 -7.31
CA ALA B 115 3.80 14.95 -6.03
C ALA B 115 5.11 14.51 -5.39
N SER B 116 6.10 14.04 -6.17
CA SER B 116 7.40 13.71 -5.57
C SER B 116 8.02 14.90 -4.85
N VAL B 117 8.05 16.06 -5.50
CA VAL B 117 8.72 17.17 -4.82
C VAL B 117 7.89 17.64 -3.63
N MET B 118 6.56 17.47 -3.69
CA MET B 118 5.73 17.84 -2.55
C MET B 118 5.95 16.86 -1.41
N ALA B 119 6.23 15.59 -1.72
CA ALA B 119 6.66 14.65 -0.68
C ALA B 119 7.88 15.18 0.06
N LEU B 120 8.87 15.71 -0.69
CA LEU B 120 10.04 16.29 -0.06
C LEU B 120 9.63 17.48 0.80
N SER B 121 8.79 18.36 0.25
CA SER B 121 8.37 19.52 1.03
C SER B 121 7.67 19.08 2.32
N TYR B 122 6.76 18.12 2.22
CA TYR B 122 6.04 17.67 3.41
C TYR B 122 7.00 17.12 4.45
N VAL B 123 7.98 16.31 4.03
CA VAL B 123 8.93 15.77 5.00
C VAL B 123 9.69 16.89 5.70
N ALA B 124 10.13 17.90 4.94
CA ALA B 124 10.91 18.96 5.54
C ALA B 124 10.07 19.75 6.56
N GLN B 125 8.81 20.04 6.21
CA GLN B 125 7.93 20.75 7.14
C GLN B 125 7.61 19.90 8.35
N SER B 126 7.39 18.60 8.15
CA SER B 126 7.08 17.72 9.29
C SER B 126 8.27 17.62 10.23
N ALA B 127 9.46 17.49 9.65
CA ALA B 127 10.67 17.42 10.47
C ALA B 127 10.88 18.72 11.25
N ARG B 128 10.70 19.85 10.58
CA ARG B 128 10.82 21.14 11.27
C ARG B 128 9.81 21.24 12.39
N GLY B 129 8.58 20.79 12.12
CA GLY B 129 7.61 20.57 13.18
C GLY B 129 6.75 21.81 13.45
N ILE B 130 5.67 21.59 14.20
CA ILE B 130 4.63 22.62 14.28
C ILE B 130 4.98 23.69 15.29
N TYR B 131 6.02 23.47 16.11
CA TYR B 131 6.36 24.42 17.15
C TYR B 131 7.32 25.52 16.68
N GLN B 132 7.62 25.58 15.40
CA GLN B 132 8.48 26.55 14.78
C GLN B 132 7.70 27.23 13.65
N PRO B 133 7.80 28.54 13.49
CA PRO B 133 7.23 29.15 12.28
C PRO B 133 7.84 28.54 11.04
N ALA B 134 7.08 28.56 9.96
CA ALA B 134 7.55 28.03 8.68
C ALA B 134 8.63 28.95 8.13
N VAL B 135 9.47 28.36 7.29
CA VAL B 135 10.49 29.13 6.57
C VAL B 135 9.83 29.81 5.38
N PRO B 136 9.98 31.13 5.23
CA PRO B 136 9.30 31.84 4.13
C PRO B 136 9.75 31.35 2.75
N GLN B 137 8.79 31.23 1.84
CA GLN B 137 9.09 30.80 0.48
C GLN B 137 10.18 31.65 -0.17
N ARG B 138 10.26 32.94 0.16
CA ARG B 138 11.26 33.78 -0.50
C ARG B 138 12.68 33.33 -0.14
N ILE B 139 12.87 32.77 1.06
CA ILE B 139 14.19 32.27 1.43
C ILE B 139 14.52 30.95 0.72
N ILE B 140 13.52 30.07 0.61
CA ILE B 140 13.66 28.81 -0.13
C ILE B 140 13.87 29.10 -1.61
N ASP B 141 13.26 30.17 -2.11
CA ASP B 141 13.37 30.49 -3.53
C ASP B 141 14.75 30.96 -3.93
N GLU B 142 15.61 31.29 -2.99
CA GLU B 142 16.99 31.64 -3.30
C GLU B 142 17.86 30.44 -3.62
N CYS B 143 17.32 29.23 -3.58
CA CYS B 143 18.08 27.99 -3.68
C CYS B 143 18.16 27.47 -5.12
N SER B 144 19.32 26.90 -5.46
CA SER B 144 19.61 26.50 -6.83
C SER B 144 19.15 25.08 -7.17
N THR B 145 18.83 24.25 -6.17
CA THR B 145 18.41 22.89 -6.41
C THR B 145 17.30 22.50 -5.43
N VAL B 146 16.49 21.53 -5.87
CA VAL B 146 15.45 20.96 -5.01
C VAL B 146 16.05 20.49 -3.69
N THR B 147 17.22 19.83 -3.73
CA THR B 147 17.83 19.38 -2.49
C THR B 147 18.14 20.53 -1.55
N ALA B 148 18.67 21.63 -2.09
CA ALA B 148 18.93 22.79 -1.23
C ALA B 148 17.63 23.40 -0.71
N ARG B 149 16.59 23.41 -1.54
CA ARG B 149 15.28 23.91 -1.11
C ARG B 149 14.74 23.08 0.05
N PHE B 150 14.78 21.75 -0.09
CA PHE B 150 14.38 20.85 0.99
C PHE B 150 15.10 21.20 2.28
N MET B 151 16.41 21.40 2.21
CA MET B 151 17.15 21.54 3.44
C MET B 151 16.90 22.92 4.05
N THR B 152 16.61 23.90 3.21
CA THR B 152 16.29 25.23 3.72
C THR B 152 14.90 25.23 4.36
N ARG B 153 13.91 24.63 3.68
CA ARG B 153 12.55 24.59 4.21
C ARG B 153 12.52 23.91 5.58
N TRP B 154 13.41 22.95 5.82
CA TRP B 154 13.47 22.24 7.08
C TRP B 154 14.29 23.00 8.12
N GLN B 155 15.55 23.32 7.82
CA GLN B 155 16.46 23.83 8.86
C GLN B 155 16.61 25.36 8.85
N GLY B 156 16.12 26.04 7.82
CA GLY B 156 16.29 27.47 7.70
C GLY B 156 17.57 27.92 7.02
N GLU B 157 18.70 27.75 7.72
CA GLU B 157 20.02 28.03 7.17
C GLU B 157 20.84 26.75 7.25
N PRO B 158 20.63 25.82 6.34
CA PRO B 158 21.41 24.57 6.36
C PRO B 158 22.89 24.84 6.05
N ASP B 159 23.74 24.04 6.68
CA ASP B 159 25.15 23.97 6.33
C ASP B 159 25.31 23.49 4.89
N PRO B 160 26.04 24.21 4.05
CA PRO B 160 26.13 23.83 2.62
C PRO B 160 26.75 22.45 2.38
N ARG B 161 27.60 21.96 3.28
CA ARG B 161 28.12 20.59 3.15
C ARG B 161 27.05 19.56 3.51
N HIS B 162 26.15 19.93 4.45
CA HIS B 162 25.01 19.07 4.77
C HIS B 162 24.08 18.92 3.59
N ILE B 163 23.88 19.99 2.81
CA ILE B 163 23.17 19.82 1.54
C ILE B 163 23.91 18.84 0.63
N GLU B 164 25.24 18.96 0.56
CA GLU B 164 25.98 18.04 -0.30
C GLU B 164 25.81 16.61 0.19
N ALA B 165 25.85 16.40 1.51
CA ALA B 165 25.68 15.05 2.03
C ALA B 165 24.36 14.45 1.58
N ILE B 166 23.28 15.21 1.73
CA ILE B 166 21.97 14.69 1.38
C ILE B 166 21.87 14.45 -0.11
N ASP B 167 22.53 15.28 -0.92
CA ASP B 167 22.43 15.05 -2.35
C ASP B 167 23.10 13.74 -2.72
N ALA B 168 24.19 13.41 -2.02
CA ALA B 168 24.87 12.13 -2.22
C ALA B 168 24.00 10.97 -1.76
N TYR B 169 23.44 11.08 -0.57
CA TYR B 169 22.59 10.00 -0.07
C TYR B 169 21.38 9.80 -0.97
N TRP B 170 20.64 10.87 -1.27
CA TRP B 170 19.45 10.67 -2.09
C TRP B 170 19.76 10.07 -3.44
N VAL B 171 20.83 10.50 -4.10
CA VAL B 171 21.15 9.92 -5.41
C VAL B 171 21.54 8.44 -5.26
N SER B 172 22.26 8.12 -4.19
CA SER B 172 22.63 6.73 -3.93
C SER B 172 21.44 5.88 -3.52
N ALA B 173 20.37 6.50 -3.01
CA ALA B 173 19.21 5.77 -2.52
C ALA B 173 18.04 5.81 -3.49
N ALA B 174 18.21 6.46 -4.64
CA ALA B 174 17.09 6.76 -5.52
C ALA B 174 16.39 5.52 -6.04
N GLU B 175 17.14 4.45 -6.33
CA GLU B 175 16.49 3.34 -7.00
C GLU B 175 17.31 2.07 -6.74
N HIS B 176 16.62 0.93 -6.65
CA HIS B 176 17.35 -0.33 -6.44
C HIS B 176 16.51 -1.56 -6.80
N GLY B 177 15.95 -1.56 -8.01
CA GLY B 177 15.24 -2.76 -8.44
C GLY B 177 13.96 -3.01 -7.65
N MET B 178 13.59 -4.28 -7.58
CA MET B 178 12.25 -4.64 -7.13
C MET B 178 12.23 -4.97 -5.64
N ASN B 179 12.40 -3.93 -4.82
CA ASN B 179 12.23 -4.08 -3.39
C ASN B 179 10.74 -3.97 -3.04
N ALA B 180 10.43 -4.07 -1.74
CA ALA B 180 9.02 -4.19 -1.36
C ALA B 180 8.24 -2.90 -1.64
N SER B 181 8.87 -1.75 -1.44
CA SER B 181 8.12 -0.51 -1.63
C SER B 181 7.96 -0.16 -3.12
N THR B 182 9.04 -0.34 -3.91
CA THR B 182 8.91 -0.22 -5.35
C THR B 182 7.91 -1.22 -5.92
N PHE B 183 7.91 -2.45 -5.41
CA PHE B 183 6.92 -3.44 -5.82
C PHE B 183 5.51 -2.96 -5.50
N THR B 184 5.28 -2.51 -4.26
CA THR B 184 3.97 -1.97 -3.87
C THR B 184 3.54 -0.84 -4.82
N ALA B 185 4.44 0.08 -5.11
CA ALA B 185 4.12 1.16 -6.04
C ALA B 185 3.57 0.60 -7.35
N ARG B 186 4.26 -0.39 -7.93
CA ARG B 186 3.84 -0.99 -9.19
C ARG B 186 2.55 -1.79 -9.03
N VAL B 187 2.39 -2.53 -7.94
CA VAL B 187 1.13 -3.23 -7.73
C VAL B 187 -0.05 -2.25 -7.72
N ILE B 188 0.06 -1.21 -6.90
CA ILE B 188 -1.03 -0.24 -6.87
C ILE B 188 -1.25 0.39 -8.24
N ALA B 189 -0.19 0.86 -8.88
CA ALA B 189 -0.34 1.45 -10.20
C ALA B 189 -0.94 0.45 -11.18
N SER B 190 -0.65 -0.84 -11.00
CA SER B 190 -1.19 -1.82 -11.94
C SER B 190 -2.70 -1.91 -11.86
N THR B 191 -3.30 -1.47 -10.74
CA THR B 191 -4.77 -1.37 -10.65
C THR B 191 -5.32 -0.18 -11.41
N GLY B 192 -4.46 0.67 -11.96
CA GLY B 192 -4.94 1.86 -12.61
C GLY B 192 -5.27 3.01 -11.68
N ALA B 193 -4.89 2.91 -10.41
CA ALA B 193 -5.11 3.92 -9.37
C ALA B 193 -4.36 5.20 -9.69
N ASP B 194 -4.73 6.30 -9.01
CA ASP B 194 -4.00 7.52 -9.29
C ASP B 194 -2.60 7.42 -8.71
N VAL B 195 -1.69 8.23 -9.27
CA VAL B 195 -0.28 8.14 -8.85
C VAL B 195 -0.07 8.50 -7.38
N ALA B 196 -0.89 9.39 -6.80
CA ALA B 196 -0.69 9.70 -5.38
C ALA B 196 -1.04 8.49 -4.52
N ALA B 197 -2.02 7.71 -4.94
CA ALA B 197 -2.37 6.51 -4.19
C ALA B 197 -1.23 5.50 -4.23
N ALA B 198 -0.55 5.42 -5.37
CA ALA B 198 0.55 4.45 -5.48
C ALA B 198 1.75 4.89 -4.68
N LEU B 199 2.02 6.21 -4.66
CA LEU B 199 3.14 6.71 -3.85
C LEU B 199 2.85 6.58 -2.36
N SER B 200 1.60 6.86 -1.97
CA SER B 200 1.23 6.74 -0.57
C SER B 200 1.44 5.31 -0.09
N GLY B 201 0.96 4.33 -0.85
CA GLY B 201 1.10 2.93 -0.45
C GLY B 201 2.55 2.49 -0.42
N ALA B 202 3.38 2.99 -1.34
CA ALA B 202 4.81 2.68 -1.31
C ALA B 202 5.44 3.15 0.00
N ILE B 203 5.05 4.35 0.45
CA ILE B 203 5.59 4.86 1.70
C ILE B 203 5.25 3.92 2.86
N GLY B 204 4.02 3.40 2.85
CA GLY B 204 3.65 2.40 3.84
C GLY B 204 4.60 1.20 3.86
N ALA B 205 4.97 0.68 2.67
CA ALA B 205 5.89 -0.46 2.65
C ALA B 205 7.28 -0.05 3.09
N MET B 206 7.75 1.12 2.64
CA MET B 206 9.07 1.60 3.01
C MET B 206 9.21 1.76 4.51
N SER B 207 8.10 1.91 5.24
CA SER B 207 8.15 2.14 6.68
C SER B 207 8.49 0.89 7.49
N GLY B 208 8.44 -0.31 6.88
CA GLY B 208 8.72 -1.53 7.60
C GLY B 208 10.19 -1.71 7.88
N PRO B 209 10.54 -2.06 9.13
CA PRO B 209 11.96 -2.18 9.48
C PRO B 209 12.65 -3.30 8.72
N LEU B 210 11.92 -4.26 8.17
CA LEU B 210 12.51 -5.34 7.37
C LEU B 210 12.63 -4.98 5.89
N HIS B 211 12.36 -3.73 5.51
CA HIS B 211 12.33 -3.39 4.09
C HIS B 211 13.70 -3.51 3.46
N GLY B 212 14.74 -3.18 4.22
CA GLY B 212 16.07 -3.23 3.68
C GLY B 212 16.46 -1.89 3.12
N GLY B 213 17.63 -1.41 3.48
CA GLY B 213 18.06 -0.08 3.14
C GLY B 213 17.68 0.96 4.18
N ALA B 214 16.86 0.62 5.16
CA ALA B 214 16.52 1.55 6.22
C ALA B 214 17.77 1.85 7.04
N PRO B 215 18.13 3.11 7.27
CA PRO B 215 19.41 3.42 7.90
C PRO B 215 19.55 2.74 9.25
N ALA B 216 20.74 2.20 9.49
CA ALA B 216 20.93 1.31 10.62
C ALA B 216 21.06 2.11 11.91
N ARG B 217 20.76 1.43 13.01
CA ARG B 217 20.85 2.02 14.34
C ARG B 217 22.26 1.86 14.88
N VAL B 218 23.19 2.56 14.22
CA VAL B 218 24.61 2.48 14.57
C VAL B 218 25.07 3.63 15.44
N LEU B 219 24.25 4.67 15.63
CA LEU B 219 24.66 5.80 16.46
C LEU B 219 25.02 5.39 17.90
N PRO B 220 24.28 4.50 18.58
CA PRO B 220 24.76 4.07 19.91
C PRO B 220 26.14 3.47 19.88
N MET B 221 26.40 2.59 18.90
CA MET B 221 27.72 2.01 18.75
C MET B 221 28.78 3.09 18.52
N LEU B 222 28.52 4.02 17.59
CA LEU B 222 29.53 5.01 17.22
C LEU B 222 29.81 5.99 18.35
N ASP B 223 28.85 6.18 19.26
CA ASP B 223 29.11 7.01 20.43
C ASP B 223 29.98 6.31 21.46
N GLU B 224 29.90 4.98 21.52
CA GLU B 224 30.73 4.23 22.48
C GLU B 224 32.19 4.25 22.06
N VAL B 225 32.47 4.00 20.78
CA VAL B 225 33.86 4.03 20.31
C VAL B 225 34.44 5.43 20.46
N GLU B 226 33.59 6.46 20.32
CA GLU B 226 34.07 7.82 20.50
C GLU B 226 34.53 8.06 21.94
N ARG B 227 33.83 7.50 22.91
CA ARG B 227 34.15 7.68 24.32
C ARG B 227 35.03 6.56 24.89
N ALA B 228 35.41 5.57 24.07
CA ALA B 228 36.25 4.47 24.52
C ALA B 228 37.54 4.33 23.73
N GLY B 229 37.52 4.59 22.41
CA GLY B 229 38.70 4.54 21.58
C GLY B 229 39.05 3.16 21.06
N ASP B 230 38.74 2.11 21.81
CA ASP B 230 39.05 0.75 21.36
C ASP B 230 37.88 0.29 20.50
N ALA B 231 38.03 0.45 19.17
CA ALA B 231 36.98 0.02 18.26
C ALA B 231 36.75 -1.49 18.37
N ARG B 232 37.82 -2.29 18.24
CA ARG B 232 37.67 -3.74 18.30
C ARG B 232 37.07 -4.21 19.62
N SER B 233 37.46 -3.57 20.73
CA SER B 233 36.92 -3.96 22.04
C SER B 233 35.42 -3.73 22.10
N VAL B 234 34.95 -2.64 21.50
CA VAL B 234 33.52 -2.35 21.51
C VAL B 234 32.75 -3.37 20.67
N VAL B 235 33.29 -3.71 19.50
CA VAL B 235 32.64 -4.69 18.62
C VAL B 235 32.51 -6.04 19.30
N LYS B 236 33.60 -6.48 19.95
CA LYS B 236 33.58 -7.78 20.62
C LYS B 236 32.67 -7.75 21.86
N GLY B 237 32.54 -6.59 22.51
CA GLY B 237 31.62 -6.48 23.63
C GLY B 237 30.17 -6.73 23.21
N ILE B 238 29.79 -6.25 22.02
CA ILE B 238 28.42 -6.44 21.54
C ILE B 238 28.17 -7.90 21.19
N LEU B 239 29.13 -8.55 20.53
CA LEU B 239 28.94 -9.95 20.15
C LEU B 239 29.06 -10.89 21.34
N ASP B 240 30.03 -10.65 22.23
CA ASP B 240 30.18 -11.49 23.42
C ASP B 240 28.97 -11.43 24.33
N ARG B 241 28.16 -10.37 24.24
CA ARG B 241 26.90 -10.29 24.96
C ARG B 241 25.73 -10.86 24.16
N GLY B 242 25.96 -11.30 22.93
CA GLY B 242 24.91 -11.87 22.11
C GLY B 242 24.12 -10.89 21.27
N GLU B 243 24.31 -9.58 21.46
CA GLU B 243 23.59 -8.60 20.67
C GLU B 243 24.12 -8.57 19.24
N LYS B 244 23.25 -8.15 18.32
CA LYS B 244 23.58 -8.17 16.90
C LYS B 244 24.41 -6.96 16.53
N LEU B 245 25.34 -7.14 15.60
CA LEU B 245 26.15 -6.05 15.10
C LEU B 245 25.38 -5.29 14.03
N MET B 246 25.24 -3.98 14.22
CA MET B 246 24.35 -3.17 13.40
C MET B 246 25.10 -2.63 12.19
N GLY B 247 24.53 -2.82 11.01
CA GLY B 247 25.12 -2.33 9.78
C GLY B 247 25.99 -3.31 9.01
N PHE B 248 26.02 -4.59 9.42
CA PHE B 248 26.91 -5.58 8.82
C PHE B 248 26.17 -6.91 8.71
N GLY B 249 26.50 -7.67 7.68
CA GLY B 249 25.84 -8.95 7.50
C GLY B 249 26.13 -9.54 6.14
N HIS B 250 25.24 -10.45 5.72
CA HIS B 250 25.44 -11.17 4.47
C HIS B 250 25.60 -10.21 3.30
N ARG B 251 26.33 -10.64 2.28
CA ARG B 251 26.60 -9.75 1.16
C ARG B 251 25.33 -9.45 0.35
N VAL B 252 25.27 -8.25 -0.19
CA VAL B 252 24.22 -7.83 -1.09
C VAL B 252 24.70 -7.82 -2.52
N TYR B 253 25.79 -7.11 -2.76
CA TYR B 253 26.50 -7.17 -4.01
C TYR B 253 27.55 -8.28 -3.90
N ARG B 254 28.26 -8.55 -5.00
CA ARG B 254 29.27 -9.62 -5.00
C ARG B 254 30.30 -9.39 -3.90
N ALA B 255 30.73 -8.15 -3.73
CA ALA B 255 31.61 -7.77 -2.64
C ALA B 255 31.06 -6.52 -1.96
N GLU B 256 31.69 -5.37 -2.21
CA GLU B 256 31.27 -4.12 -1.57
C GLU B 256 30.05 -3.56 -2.28
N ASP B 257 29.05 -3.11 -1.50
CA ASP B 257 27.88 -2.41 -2.06
C ASP B 257 28.38 -1.09 -2.65
N PRO B 258 28.21 -0.84 -3.95
CA PRO B 258 28.75 0.42 -4.49
C PRO B 258 28.16 1.63 -3.78
N ARG B 259 26.90 1.53 -3.36
CA ARG B 259 26.29 2.62 -2.62
C ARG B 259 27.03 2.86 -1.31
N ALA B 260 27.48 1.80 -0.64
CA ALA B 260 28.20 2.01 0.60
C ALA B 260 29.54 2.69 0.35
N ARG B 261 30.19 2.33 -0.76
CA ARG B 261 31.45 2.97 -1.13
C ARG B 261 31.27 4.47 -1.32
N VAL B 262 30.26 4.89 -2.12
CA VAL B 262 30.13 6.32 -2.41
C VAL B 262 29.68 7.09 -1.18
N LEU B 263 28.88 6.49 -0.30
CA LEU B 263 28.49 7.20 0.91
C LEU B 263 29.68 7.36 1.83
N ARG B 264 30.53 6.32 1.92
CA ARG B 264 31.78 6.48 2.66
C ARG B 264 32.66 7.56 2.03
N ALA B 265 32.79 7.56 0.71
CA ALA B 265 33.57 8.59 0.03
C ALA B 265 32.96 9.99 0.25
N ALA B 266 31.63 10.07 0.40
CA ALA B 266 31.03 11.36 0.72
C ALA B 266 31.37 11.80 2.14
N ALA B 267 31.16 10.96 3.16
CA ALA B 267 31.47 11.41 4.51
C ALA B 267 32.94 11.77 4.67
N GLU B 268 33.82 11.12 3.90
CA GLU B 268 35.23 11.52 3.89
C GLU B 268 35.39 12.87 3.19
N ARG B 269 34.90 12.98 1.95
CA ARG B 269 34.80 14.21 1.17
C ARG B 269 34.52 15.44 2.02
N LEU B 270 33.34 15.41 2.64
CA LEU B 270 32.74 16.53 3.33
C LEU B 270 33.35 16.76 4.69
N GLY B 271 34.27 15.92 5.14
CA GLY B 271 34.86 16.19 6.43
C GLY B 271 33.96 15.81 7.59
N ALA B 272 33.06 14.86 7.39
CA ALA B 272 32.17 14.43 8.47
C ALA B 272 32.96 14.08 9.72
N PRO B 273 32.68 14.73 10.86
CA PRO B 273 33.47 14.47 12.09
C PRO B 273 33.46 13.03 12.58
N ARG B 274 32.45 12.23 12.26
CA ARG B 274 32.45 10.84 12.71
C ARG B 274 33.21 9.90 11.78
N TYR B 275 33.69 10.40 10.62
CA TYR B 275 34.26 9.53 9.60
C TYR B 275 35.37 8.65 10.15
N GLU B 276 36.16 9.18 11.10
CA GLU B 276 37.28 8.40 11.63
C GLU B 276 36.78 7.23 12.48
N VAL B 277 35.86 7.49 13.41
CA VAL B 277 35.34 6.40 14.23
C VAL B 277 34.60 5.39 13.37
N ALA B 278 33.83 5.87 12.40
CA ALA B 278 33.05 4.97 11.55
C ALA B 278 33.94 4.06 10.72
N VAL B 279 35.06 4.61 10.21
CA VAL B 279 36.02 3.78 9.49
C VAL B 279 36.61 2.73 10.42
N ALA B 280 36.96 3.12 11.65
CA ALA B 280 37.54 2.16 12.58
C ALA B 280 36.54 1.08 12.94
N VAL B 281 35.26 1.45 13.03
CA VAL B 281 34.23 0.48 13.37
C VAL B 281 33.95 -0.45 12.19
N GLU B 282 34.02 0.08 10.96
CA GLU B 282 33.79 -0.76 9.79
C GLU B 282 34.83 -1.84 9.70
N GLN B 283 36.10 -1.49 9.93
CA GLN B 283 37.15 -2.49 9.83
C GLN B 283 37.10 -3.44 11.02
N ALA B 284 36.83 -2.94 12.22
CA ALA B 284 36.75 -3.81 13.39
C ALA B 284 35.59 -4.78 13.27
N ALA B 285 34.42 -4.29 12.82
CA ALA B 285 33.26 -5.16 12.71
C ALA B 285 33.41 -6.17 11.58
N LEU B 286 34.03 -5.78 10.47
CA LEU B 286 34.21 -6.71 9.37
C LEU B 286 35.21 -7.80 9.76
N SER B 287 36.34 -7.41 10.36
CA SER B 287 37.32 -8.39 10.77
C SER B 287 36.76 -9.30 11.86
N GLU B 288 35.99 -8.74 12.79
CA GLU B 288 35.45 -9.56 13.87
C GLU B 288 34.46 -10.58 13.34
N LEU B 289 33.46 -10.13 12.56
CA LEU B 289 32.44 -11.05 12.06
C LEU B 289 33.03 -12.10 11.14
N ARG B 290 33.96 -11.68 10.28
CA ARG B 290 34.55 -12.61 9.32
C ARG B 290 35.36 -13.70 10.03
N GLU B 291 36.06 -13.34 11.11
CA GLU B 291 36.81 -14.32 11.88
C GLU B 291 35.89 -15.33 12.55
N ARG B 292 34.81 -14.83 13.16
CA ARG B 292 33.93 -15.70 13.95
C ARG B 292 33.15 -16.66 13.07
N ARG B 293 32.96 -16.34 11.79
CA ARG B 293 32.29 -17.22 10.84
C ARG B 293 33.01 -17.11 9.50
N PRO B 294 34.10 -17.86 9.33
CA PRO B 294 34.85 -17.77 8.06
C PRO B 294 34.09 -18.34 6.88
N ASP B 295 33.02 -19.10 7.11
CA ASP B 295 32.18 -19.67 6.07
C ASP B 295 31.07 -18.72 5.61
N ARG B 296 31.00 -17.52 6.16
CA ARG B 296 29.94 -16.56 5.92
C ARG B 296 30.52 -15.36 5.17
N ALA B 297 29.85 -14.92 4.11
CA ALA B 297 30.23 -13.66 3.46
C ALA B 297 29.68 -12.49 4.27
N ILE B 298 30.57 -11.62 4.74
CA ILE B 298 30.22 -10.47 5.56
C ILE B 298 30.60 -9.20 4.80
N GLU B 299 29.63 -8.28 4.62
CA GLU B 299 29.95 -6.99 4.03
C GLU B 299 29.27 -5.88 4.83
N THR B 300 29.71 -4.65 4.60
CA THR B 300 29.09 -3.48 5.22
C THR B 300 27.77 -3.18 4.54
N ASN B 301 26.68 -3.19 5.32
CA ASN B 301 25.39 -2.80 4.76
C ASN B 301 25.46 -1.33 4.38
N VAL B 302 24.92 -0.98 3.21
CA VAL B 302 24.86 0.45 2.89
C VAL B 302 24.20 1.23 4.02
N GLU B 303 23.28 0.60 4.76
CA GLU B 303 22.61 1.25 5.88
C GLU B 303 23.58 1.81 6.91
N PHE B 304 24.79 1.28 7.01
CA PHE B 304 25.75 1.78 8.00
C PHE B 304 26.25 3.17 7.63
N TRP B 305 26.70 3.35 6.40
CA TRP B 305 27.16 4.66 5.94
C TRP B 305 26.02 5.62 5.64
N ALA B 306 24.80 5.11 5.45
CA ALA B 306 23.65 6.01 5.35
C ALA B 306 23.41 6.70 6.69
N ALA B 307 23.42 5.96 7.79
CA ALA B 307 23.27 6.57 9.11
C ALA B 307 24.34 7.63 9.37
N VAL B 308 25.57 7.38 8.93
CA VAL B 308 26.65 8.33 9.13
C VAL B 308 26.40 9.60 8.32
N VAL B 309 26.05 9.44 7.04
CA VAL B 309 25.90 10.61 6.18
C VAL B 309 24.65 11.40 6.59
N LEU B 310 23.57 10.70 6.97
CA LEU B 310 22.35 11.37 7.41
C LEU B 310 22.57 12.09 8.74
N ASP B 311 23.25 11.44 9.68
CA ASP B 311 23.50 12.07 10.97
C ASP B 311 24.44 13.27 10.84
N PHE B 312 25.40 13.21 9.90
CA PHE B 312 26.25 14.36 9.61
C PHE B 312 25.43 15.59 9.22
N ALA B 313 24.47 15.40 8.32
CA ALA B 313 23.53 16.44 7.85
C ALA B 313 22.42 16.77 8.86
N ARG B 314 22.50 16.27 10.10
CA ARG B 314 21.62 16.61 11.21
C ARG B 314 20.26 15.93 11.15
N VAL B 315 20.12 14.87 10.36
CA VAL B 315 18.91 14.06 10.33
C VAL B 315 18.85 13.20 11.59
N PRO B 316 17.80 13.34 12.39
CA PRO B 316 17.65 12.51 13.59
C PRO B 316 17.20 11.11 13.25
N ALA B 317 17.38 10.22 14.23
CA ALA B 317 17.12 8.80 14.04
C ALA B 317 15.70 8.53 13.56
N ASN B 318 14.71 9.15 14.22
CA ASN B 318 13.32 8.91 13.80
C ASN B 318 12.94 9.61 12.49
N MET B 319 13.86 10.32 11.84
CA MET B 319 13.58 10.91 10.56
C MET B 319 14.27 10.14 9.43
N MET B 320 15.15 9.20 9.76
CA MET B 320 15.93 8.53 8.73
C MET B 320 15.08 7.70 7.77
N PRO B 321 14.03 6.98 8.20
CA PRO B 321 13.14 6.37 7.21
C PRO B 321 12.48 7.35 6.27
N ALA B 322 12.09 8.55 6.74
CA ALA B 322 11.52 9.52 5.83
C ALA B 322 12.56 10.02 4.84
N MET B 323 13.82 10.11 5.24
CA MET B 323 14.83 10.59 4.30
C MET B 323 15.11 9.56 3.24
N PHE B 324 15.05 8.27 3.61
CA PHE B 324 15.14 7.19 2.64
C PHE B 324 13.99 7.26 1.64
N THR B 325 12.76 7.41 2.17
CA THR B 325 11.59 7.62 1.32
C THR B 325 11.82 8.74 0.32
N CYS B 326 12.34 9.88 0.79
CA CYS B 326 12.55 11.02 -0.09
C CYS B 326 13.38 10.64 -1.32
N GLY B 327 14.56 10.04 -1.09
CA GLY B 327 15.38 9.62 -2.22
C GLY B 327 14.67 8.63 -3.11
N ARG B 328 14.01 7.64 -2.51
CA ARG B 328 13.43 6.55 -3.30
C ARG B 328 12.24 7.01 -4.13
N THR B 329 11.70 8.23 -3.90
CA THR B 329 10.61 8.71 -4.76
C THR B 329 11.00 8.66 -6.24
N ALA B 330 12.28 8.88 -6.54
CA ALA B 330 12.73 8.85 -7.94
C ALA B 330 12.46 7.49 -8.58
N GLY B 331 12.97 6.41 -7.96
CA GLY B 331 12.70 5.07 -8.48
C GLY B 331 11.22 4.71 -8.49
N TRP B 332 10.50 5.01 -7.39
CA TRP B 332 9.06 4.73 -7.37
C TRP B 332 8.40 5.36 -8.58
N CYS B 333 8.63 6.66 -8.80
CA CYS B 333 8.02 7.33 -9.94
C CYS B 333 8.45 6.70 -11.28
N ALA B 334 9.71 6.32 -11.40
CA ALA B 334 10.17 5.66 -12.62
C ALA B 334 9.40 4.37 -12.87
N HIS B 335 9.22 3.57 -11.83
CA HIS B 335 8.53 2.30 -11.96
C HIS B 335 7.03 2.47 -12.11
N ILE B 336 6.47 3.54 -11.51
CA ILE B 336 5.06 3.78 -11.70
C ILE B 336 4.78 4.10 -13.18
N LEU B 337 5.62 4.93 -13.79
CA LEU B 337 5.43 5.28 -15.20
C LEU B 337 5.60 4.07 -16.11
N GLU B 338 6.64 3.27 -15.86
CA GLU B 338 6.86 2.06 -16.65
C GLU B 338 5.69 1.08 -16.50
N GLN B 339 5.22 0.90 -15.27
CA GLN B 339 4.06 0.06 -15.02
C GLN B 339 2.83 0.59 -15.75
N LYS B 340 2.72 1.91 -15.85
CA LYS B 340 1.58 2.48 -16.58
C LYS B 340 1.58 2.00 -18.02
N ARG B 341 2.71 2.15 -18.70
CA ARG B 341 2.82 1.74 -20.10
C ARG B 341 2.71 0.22 -20.24
N LEU B 342 3.12 -0.54 -19.22
CA LEU B 342 2.98 -1.99 -19.29
C LEU B 342 1.52 -2.39 -19.38
N GLY B 343 0.65 -1.77 -18.59
CA GLY B 343 -0.77 -2.02 -18.74
C GLY B 343 -1.22 -3.42 -18.37
N LYS B 344 -0.54 -4.07 -17.42
CA LYS B 344 -0.90 -5.40 -16.98
C LYS B 344 -1.14 -5.36 -15.46
N LEU B 345 -2.32 -5.81 -15.03
CA LEU B 345 -2.59 -5.91 -13.59
C LEU B 345 -1.71 -6.98 -12.97
N VAL B 346 -1.16 -6.69 -11.81
CA VAL B 346 -0.40 -7.70 -11.07
C VAL B 346 -1.40 -8.61 -10.36
N ARG B 347 -1.26 -9.92 -10.56
CA ARG B 347 -2.29 -10.87 -10.13
C ARG B 347 -1.68 -12.21 -9.76
N PRO B 348 -0.95 -12.28 -8.64
CA PRO B 348 -0.52 -13.59 -8.11
C PRO B 348 -1.70 -14.29 -7.45
N SER B 349 -1.48 -15.57 -7.15
CA SER B 349 -2.54 -16.37 -6.57
C SER B 349 -2.07 -16.99 -5.27
N ALA B 350 -3.01 -17.61 -4.58
CA ALA B 350 -2.76 -18.34 -3.35
C ALA B 350 -3.66 -19.57 -3.34
N ILE B 351 -3.17 -20.66 -2.75
CA ILE B 351 -3.97 -21.89 -2.59
C ILE B 351 -4.34 -22.07 -1.14
N TYR B 352 -5.61 -22.36 -0.89
CA TYR B 352 -6.04 -22.78 0.43
C TYR B 352 -5.45 -24.15 0.72
N VAL B 353 -4.79 -24.27 1.87
CA VAL B 353 -4.26 -25.53 2.38
C VAL B 353 -4.74 -25.65 3.82
N GLY B 354 -5.69 -26.54 4.08
CA GLY B 354 -6.20 -26.70 5.41
C GLY B 354 -7.44 -27.56 5.48
N PRO B 355 -8.16 -27.51 6.60
CA PRO B 355 -9.33 -28.38 6.76
C PRO B 355 -10.41 -28.08 5.72
N GLY B 356 -11.19 -29.12 5.41
CA GLY B 356 -12.25 -29.01 4.45
C GLY B 356 -13.52 -28.46 5.08
N PRO B 357 -14.64 -28.69 4.42
CA PRO B 357 -15.90 -28.08 4.87
C PRO B 357 -16.31 -28.55 6.27
N ARG B 358 -16.97 -27.65 7.00
CA ARG B 358 -17.47 -27.93 8.33
C ARG B 358 -18.62 -26.95 8.59
N SER B 359 -19.51 -27.30 9.53
CA SER B 359 -20.67 -26.48 9.81
C SER B 359 -20.27 -25.32 10.71
N PRO B 360 -21.04 -24.23 10.69
CA PRO B 360 -20.75 -23.15 11.66
C PRO B 360 -20.79 -23.63 13.10
N GLU B 361 -21.70 -24.56 13.43
CA GLU B 361 -21.87 -25.04 14.80
C GLU B 361 -20.69 -25.86 15.29
N SER B 362 -19.85 -26.35 14.39
CA SER B 362 -18.65 -27.09 14.76
C SER B 362 -17.45 -26.17 15.09
N VAL B 363 -17.59 -24.86 14.92
CA VAL B 363 -16.45 -23.95 15.10
C VAL B 363 -16.36 -23.57 16.57
N ASP B 364 -15.14 -23.55 17.09
CA ASP B 364 -14.85 -23.08 18.44
C ASP B 364 -15.54 -21.74 18.68
N GLY B 365 -16.25 -21.65 19.78
CA GLY B 365 -16.89 -20.41 20.16
C GLY B 365 -18.19 -20.11 19.45
N TRP B 366 -18.72 -21.04 18.65
CA TRP B 366 -20.02 -20.81 18.03
C TRP B 366 -21.09 -20.42 19.05
N GLU B 367 -21.00 -20.96 20.26
CA GLU B 367 -21.98 -20.69 21.30
C GLU B 367 -22.07 -19.20 21.65
N ARG B 368 -21.03 -18.41 21.36
CA ARG B 368 -21.05 -17.00 21.68
C ARG B 368 -21.70 -16.16 20.58
N VAL B 369 -22.03 -16.78 19.46
CA VAL B 369 -22.61 -16.04 18.34
C VAL B 369 -24.10 -15.87 18.58
N LEU B 370 -24.58 -14.66 18.31
CA LEU B 370 -25.99 -14.33 18.34
C LEU B 370 -26.44 -14.11 16.90
N THR B 371 -27.47 -14.85 16.48
CA THR B 371 -28.02 -14.74 15.14
C THR B 371 -29.27 -13.87 15.14
N THR B 372 -29.53 -13.23 14.00
CA THR B 372 -30.74 -12.40 13.83
C THR B 372 -32.03 -13.21 13.96
C PYR C . -19.13 1.92 15.12
O PYR C . -19.44 2.93 15.86
OXT PYR C . -18.75 0.82 15.62
CA PYR C . -19.21 2.05 13.60
O3 PYR C . -19.52 3.11 13.12
CB PYR C . -18.95 0.81 12.72
C1 PGE D . -19.11 12.75 -3.37
O1 PGE D . -18.81 13.31 -4.64
C2 PGE D . -20.41 13.35 -2.82
O2 PGE D . -20.62 12.84 -1.52
C3 PGE D . -21.41 13.70 -0.73
C4 PGE D . -22.20 12.89 0.30
O4 PGE D . -24.67 13.19 2.80
C6 PGE D . -25.29 13.47 1.56
C5 PGE D . -24.26 14.04 0.57
O3 PGE D . -22.98 13.78 1.07
C1 EDO E . -31.15 8.30 4.57
O1 EDO E . -31.70 7.16 5.26
C2 EDO E . -29.65 8.12 4.31
O2 EDO E . -28.89 9.16 4.94
C1 EDO F . -30.81 5.81 -2.49
O1 EDO F . -30.15 5.60 -3.73
C2 EDO F . -32.25 5.32 -2.60
O2 EDO F . -32.24 3.89 -2.58
C1 EDO G . -31.00 -18.43 -11.05
O1 EDO G . -31.80 -18.41 -9.86
C2 EDO G . -31.46 -17.32 -11.99
O2 EDO G . -30.50 -17.17 -13.05
C1 EDO H . -22.86 -26.92 -11.77
O1 EDO H . -21.97 -26.89 -10.65
C2 EDO H . -23.90 -28.01 -11.58
O2 EDO H . -24.70 -28.13 -12.76
C1 EDO I . -32.53 -1.55 -4.74
O1 EDO I . -31.44 -2.02 -5.52
C2 EDO I . -33.45 -2.65 -4.27
O2 EDO I . -34.65 -2.01 -3.81
C1 PEG J . -18.77 -7.03 20.10
O1 PEG J . -17.55 -6.66 20.69
C2 PEG J . -19.45 -5.82 19.42
O2 PEG J . -20.75 -6.18 18.99
C3 PEG J . -21.78 -5.36 19.49
C4 PEG J . -21.71 -3.96 18.86
O4 PEG J . -22.73 -3.16 19.39
C1 EDO K . -14.76 -7.94 -11.48
O1 EDO K . -15.61 -7.03 -10.76
C2 EDO K . -15.61 -8.78 -12.43
O2 EDO K . -16.12 -7.96 -13.49
C1 PEG L . -34.64 1.18 -4.51
O1 PEG L . -33.86 2.34 -4.70
C2 PEG L . -35.53 1.24 -3.27
O2 PEG L . -34.82 0.96 -2.10
C3 PEG L . -35.21 1.73 -0.99
C4 PEG L . -35.17 0.84 0.26
O4 PEG L . -36.40 0.80 0.98
C1 EDO M . -11.24 13.04 -7.14
O1 EDO M . -12.43 13.83 -6.96
C2 EDO M . -10.86 12.47 -5.79
O2 EDO M . -9.64 11.69 -5.81
C1 PEG N . -22.61 -26.26 -5.51
O1 PEG N . -23.07 -26.73 -6.76
C2 PEG N . -23.80 -25.89 -4.61
O2 PEG N . -24.73 -25.06 -5.27
C3 PEG N . -26.01 -25.63 -5.44
C4 PEG N . -26.84 -24.81 -6.42
O4 PEG N . -27.91 -25.59 -6.93
C1 EDO O . -16.89 15.99 9.82
O1 EDO O . -16.47 17.20 10.46
C2 EDO O . -17.58 15.18 10.90
O2 EDO O . -19.00 15.23 10.71
C1 EDO P . 15.45 -12.43 0.17
O1 EDO P . 16.10 -13.58 0.70
C2 EDO P . 16.02 -11.18 0.81
O2 EDO P . 15.39 -10.04 0.21
C PYR Q . 10.96 22.53 -2.24
O PYR Q . 10.99 22.27 -3.48
OXT PYR Q . 10.67 23.69 -1.78
CA PYR Q . 11.29 21.43 -1.24
O3 PYR Q . 11.12 21.62 -0.07
CB PYR Q . 11.88 20.10 -1.77
C1 EDO R . 15.88 19.68 -9.49
O1 EDO R . 15.81 19.22 -10.83
C2 EDO R . 17.21 20.30 -9.13
O2 EDO R . 17.25 20.26 -7.73
C1 EDO S . 14.69 31.43 9.48
O1 EDO S . 15.94 31.59 8.79
C2 EDO S . 13.52 31.22 8.51
O2 EDO S . 12.27 31.44 9.21
C1 EDO T . 17.62 -0.51 -0.36
O1 EDO T . 18.98 -0.39 -0.77
C2 EDO T . 16.73 -0.63 -1.59
O2 EDO T . 15.47 -1.10 -1.11
C1 EDO U . 9.34 -1.53 -20.31
O1 EDO U . 10.68 -1.23 -19.92
C2 EDO U . 8.75 -2.43 -19.25
O2 EDO U . 7.42 -2.84 -19.58
C1 EDO V . 27.95 15.09 13.21
O1 EDO V . 29.25 15.21 12.65
C2 EDO V . 27.95 14.22 14.47
O2 EDO V . 26.61 14.11 14.94
C1 EDO W . 12.30 2.90 -22.93
O1 EDO W . 12.75 3.27 -24.24
C2 EDO W . 12.60 4.00 -21.93
O2 EDO W . 12.07 3.64 -20.64
C1 PEG X . 7.32 18.57 -20.40
O1 PEG X . 7.43 19.89 -20.84
C2 PEG X . 8.36 18.32 -19.32
O2 PEG X . 8.47 16.94 -19.10
C3 PEG X . 8.98 16.23 -20.20
C4 PEG X . 9.34 14.81 -19.78
O4 PEG X . 10.65 14.53 -20.20
C1 EDO Y . -25.59 -19.42 17.65
O1 EDO Y . -25.20 -19.45 19.03
C2 EDO Y . -27.06 -19.77 17.50
O2 EDO Y . -27.34 -19.79 16.11
C1 EDO Z . 11.47 22.92 -13.84
O1 EDO Z . 12.04 23.85 -12.90
C2 EDO Z . 12.57 21.96 -14.30
O2 EDO Z . 12.07 21.12 -15.35
C1 PEG AA . 10.01 8.46 9.32
O1 PEG AA . 11.16 9.23 9.50
C2 PEG AA . 9.43 8.10 10.70
O2 PEG AA . 8.64 6.94 10.67
C3 PEG AA . 9.16 5.82 9.97
C4 PEG AA . 8.04 4.81 9.78
O4 PEG AA . 6.97 5.01 10.71
#